data_6IOI
#
_entry.id   6IOI
#
_cell.length_a   58.384
_cell.length_b   96.366
_cell.length_c   140.670
_cell.angle_alpha   90.000
_cell.angle_beta   90.000
_cell.angle_gamma   90.000
#
_symmetry.space_group_name_H-M   'P 21 21 21'
#
loop_
_entity.id
_entity.type
_entity.pdbx_description
1 polymer 'Homoserine O-acetyltransferase'
2 non-polymer 'COENZYME A'
3 water water
#
_entity_poly.entity_id   1
_entity_poly.type   'polypeptide(L)'
_entity_poly.pdbx_seq_one_letter_code
;ATVPLPAEGEIGLVHIGALTLENGTVLPDVTIAVQRWGELAPDRGNVVMVLHALTGDSHVTGPAGDGHPTAGWWDGVAGP
GAPIDTDHWCAIATNVLGGCRGSTGPGSLAPDGKPWGSRFPQITIRDQVAADRAALAALGITEVAAVVGGSMGGARALEW
LVTHPDDVRAGLVLAVGARATADQIGTQSTQVAAIKADPDWQGGDYHGTGRAPTEGMEIARRFAHLTYRGEEELDDRFAN
TPQDDEDPLTGGRYAVQSYLEYQGGKLARRFDPGTYVVLSDALSSHDVGRGRGGVEAALRSCPVPVVVGGITSDRLYPIR
LQQELAELLPGCQGLDVVDSIYGHDGFLVETELVGKLIRRTLELAQRLEHHHHH
;
_entity_poly.pdbx_strand_id   A,B
#
# COMPACT_ATOMS: atom_id res chain seq x y z
N ALA A 1 -47.37 17.11 -9.75
CA ALA A 1 -46.10 17.80 -10.14
C ALA A 1 -44.91 16.89 -9.85
N THR A 2 -43.84 17.11 -10.58
CA THR A 2 -42.50 16.54 -10.24
C THR A 2 -42.02 17.08 -8.90
N VAL A 3 -41.04 16.38 -8.33
CA VAL A 3 -40.28 16.81 -7.13
C VAL A 3 -39.52 18.04 -7.56
N PRO A 4 -39.65 19.17 -6.84
CA PRO A 4 -38.94 20.39 -7.20
C PRO A 4 -37.44 20.23 -6.92
N LEU A 5 -36.61 20.83 -7.76
CA LEU A 5 -35.17 20.96 -7.48
C LEU A 5 -35.03 21.78 -6.20
N PRO A 6 -34.02 21.48 -5.37
CA PRO A 6 -33.68 22.29 -4.21
C PRO A 6 -33.19 23.65 -4.71
N ALA A 7 -33.29 24.67 -3.85
CA ALA A 7 -32.71 26.00 -4.11
C ALA A 7 -31.20 25.81 -4.29
N GLU A 8 -30.60 26.63 -5.15
CA GLU A 8 -29.16 26.54 -5.52
C GLU A 8 -28.35 26.39 -4.24
N GLY A 9 -27.53 25.33 -4.16
CA GLY A 9 -26.59 25.13 -3.04
C GLY A 9 -27.17 24.29 -1.91
N GLU A 10 -28.51 24.27 -1.72
CA GLU A 10 -29.20 23.56 -0.63
C GLU A 10 -29.38 22.07 -0.98
N ILE A 11 -29.53 21.25 0.04
CA ILE A 11 -29.80 19.80 -0.13
C ILE A 11 -31.30 19.56 -0.31
N GLY A 12 -31.67 18.83 -1.35
CA GLY A 12 -33.01 18.22 -1.54
C GLY A 12 -32.97 16.73 -1.31
N LEU A 13 -33.95 16.18 -0.62
CA LEU A 13 -34.07 14.73 -0.38
C LEU A 13 -35.12 14.16 -1.30
N VAL A 14 -34.71 13.36 -2.26
CA VAL A 14 -35.58 12.77 -3.29
C VAL A 14 -35.89 11.34 -2.91
N HIS A 15 -37.15 11.05 -2.62
CA HIS A 15 -37.61 9.71 -2.20
C HIS A 15 -37.95 8.96 -3.50
N ILE A 16 -37.28 7.86 -3.82
CA ILE A 16 -37.43 7.15 -5.14
C ILE A 16 -38.20 5.83 -4.93
N GLY A 17 -38.55 5.48 -3.69
CA GLY A 17 -39.22 4.20 -3.40
C GLY A 17 -38.26 3.02 -3.44
N ALA A 18 -38.77 1.82 -3.69
CA ALA A 18 -37.93 0.61 -3.63
C ALA A 18 -37.00 0.60 -4.84
N LEU A 19 -35.83 0.00 -4.65
CA LEU A 19 -34.87 -0.23 -5.75
C LEU A 19 -34.54 -1.71 -5.80
N THR A 20 -34.83 -2.38 -6.91
CA THR A 20 -34.33 -3.75 -7.15
C THR A 20 -32.87 -3.61 -7.55
N LEU A 21 -32.01 -4.24 -6.76
CA LEU A 21 -30.54 -4.16 -6.95
C LEU A 21 -30.09 -5.28 -7.89
N GLU A 22 -28.90 -5.12 -8.41
CA GLU A 22 -28.32 -6.04 -9.41
C GLU A 22 -28.27 -7.47 -8.86
N ASN A 23 -27.98 -7.66 -7.57
CA ASN A 23 -27.90 -9.02 -6.97
C ASN A 23 -29.31 -9.57 -6.70
N GLY A 24 -30.38 -8.85 -7.03
CA GLY A 24 -31.79 -9.28 -6.88
C GLY A 24 -32.43 -8.85 -5.56
N THR A 25 -31.67 -8.44 -4.56
CA THR A 25 -32.23 -7.87 -3.31
C THR A 25 -33.09 -6.65 -3.66
N VAL A 26 -34.26 -6.52 -3.06
CA VAL A 26 -35.08 -5.28 -3.17
C VAL A 26 -34.77 -4.42 -1.96
N LEU A 27 -34.23 -3.23 -2.19
CA LEU A 27 -33.93 -2.27 -1.09
C LEU A 27 -35.07 -1.28 -0.98
N PRO A 28 -35.88 -1.30 0.11
CA PRO A 28 -37.06 -0.44 0.13
C PRO A 28 -36.79 1.02 0.49
N ASP A 29 -37.69 1.91 0.09
CA ASP A 29 -37.76 3.29 0.64
C ASP A 29 -36.39 3.99 0.57
N VAL A 30 -35.84 4.11 -0.63
CA VAL A 30 -34.51 4.77 -0.84
C VAL A 30 -34.71 6.28 -0.97
N THR A 31 -33.86 7.05 -0.30
CA THR A 31 -33.78 8.52 -0.46
C THR A 31 -32.41 8.89 -1.00
N ILE A 32 -32.41 9.76 -2.00
CA ILE A 32 -31.15 10.27 -2.61
C ILE A 32 -31.09 11.76 -2.38
N ALA A 33 -30.02 12.22 -1.73
CA ALA A 33 -29.71 13.64 -1.46
C ALA A 33 -29.17 14.25 -2.74
N VAL A 34 -29.65 15.43 -3.07
CA VAL A 34 -29.25 16.14 -4.32
C VAL A 34 -28.85 17.57 -3.98
N GLN A 35 -27.84 18.07 -4.66
CA GLN A 35 -27.54 19.53 -4.68
C GLN A 35 -27.40 19.94 -6.16
N ARG A 36 -27.71 21.18 -6.50
CA ARG A 36 -27.61 21.64 -7.89
C ARG A 36 -27.16 23.09 -7.92
N TRP A 37 -26.55 23.44 -9.04
CA TRP A 37 -26.06 24.80 -9.31
C TRP A 37 -26.45 25.16 -10.73
N GLY A 38 -27.05 26.34 -10.92
CA GLY A 38 -27.51 26.71 -12.27
C GLY A 38 -28.99 26.40 -12.45
N GLU A 39 -29.63 27.14 -13.36
CA GLU A 39 -31.06 26.92 -13.68
C GLU A 39 -31.18 25.69 -14.57
N LEU A 40 -32.23 24.89 -14.38
CA LEU A 40 -32.65 23.85 -15.34
C LEU A 40 -33.28 24.53 -16.58
N ALA A 41 -32.85 24.19 -17.78
CA ALA A 41 -33.35 24.81 -19.02
C ALA A 41 -34.83 24.43 -19.13
N PRO A 42 -35.64 25.27 -19.78
CA PRO A 42 -37.05 24.94 -20.03
C PRO A 42 -37.22 23.53 -20.61
N ASP A 43 -36.28 23.09 -21.47
CA ASP A 43 -36.39 21.77 -22.15
C ASP A 43 -35.80 20.66 -21.28
N ARG A 44 -35.29 21.00 -20.11
CA ARG A 44 -34.67 20.05 -19.14
C ARG A 44 -33.46 19.33 -19.77
N GLY A 45 -32.81 19.92 -20.79
CA GLY A 45 -31.78 19.27 -21.62
C GLY A 45 -30.34 19.71 -21.27
N ASN A 46 -30.14 20.43 -20.17
CA ASN A 46 -28.81 21.07 -19.87
C ASN A 46 -28.20 20.51 -18.58
N VAL A 47 -28.57 19.30 -18.15
CA VAL A 47 -28.05 18.78 -16.88
C VAL A 47 -26.65 18.18 -17.08
N VAL A 48 -25.75 18.57 -16.18
CA VAL A 48 -24.40 17.96 -16.06
C VAL A 48 -24.37 17.24 -14.71
N MET A 49 -24.30 15.91 -14.74
CA MET A 49 -24.28 15.08 -13.53
C MET A 49 -22.84 14.98 -13.04
N VAL A 50 -22.62 15.39 -11.80
CA VAL A 50 -21.27 15.39 -11.19
C VAL A 50 -21.26 14.24 -10.19
N LEU A 51 -20.39 13.28 -10.44
CA LEU A 51 -20.43 11.98 -9.72
C LEU A 51 -19.22 11.95 -8.78
N HIS A 52 -19.47 11.94 -7.48
CA HIS A 52 -18.45 11.96 -6.43
C HIS A 52 -17.75 10.60 -6.26
N ALA A 53 -16.56 10.66 -5.67
CA ALA A 53 -15.69 9.48 -5.42
C ALA A 53 -15.93 8.94 -4.01
N LEU A 54 -15.12 8.00 -3.55
CA LEU A 54 -15.37 7.16 -2.34
C LEU A 54 -15.92 7.99 -1.18
N THR A 55 -15.25 9.06 -0.80
CA THR A 55 -15.59 9.80 0.44
C THR A 55 -16.24 11.12 0.09
N GLY A 56 -16.56 11.39 -1.18
CA GLY A 56 -17.22 12.65 -1.53
C GLY A 56 -18.70 12.64 -1.16
N ASP A 57 -19.37 13.74 -1.46
CA ASP A 57 -20.83 13.89 -1.22
C ASP A 57 -21.41 14.85 -2.25
N SER A 58 -22.63 15.34 -2.02
CA SER A 58 -23.30 16.18 -3.00
C SER A 58 -22.65 17.56 -3.03
N HIS A 59 -21.78 17.90 -2.08
CA HIS A 59 -21.25 19.28 -1.91
C HIS A 59 -20.08 19.50 -2.87
N VAL A 60 -20.38 19.61 -4.15
CA VAL A 60 -19.36 19.72 -5.21
C VAL A 60 -18.55 21.00 -5.03
N THR A 61 -19.22 22.11 -4.80
CA THR A 61 -18.61 23.45 -4.84
C THR A 61 -19.26 24.30 -3.76
N GLY A 62 -18.47 25.25 -3.28
CA GLY A 62 -18.90 26.25 -2.29
C GLY A 62 -18.10 26.15 -0.99
N PRO A 63 -18.17 27.20 -0.15
CA PRO A 63 -17.37 27.24 1.07
C PRO A 63 -17.98 26.38 2.19
N ALA A 64 -17.20 26.06 3.22
CA ALA A 64 -17.72 25.60 4.53
C ALA A 64 -18.82 26.55 4.98
N GLY A 65 -19.95 25.99 5.40
CA GLY A 65 -21.13 26.77 5.85
C GLY A 65 -21.96 25.91 6.76
N ASP A 66 -23.24 26.23 6.91
CA ASP A 66 -24.18 25.42 7.74
C ASP A 66 -24.51 24.17 6.92
N GLY A 67 -24.19 23.00 7.50
CA GLY A 67 -24.42 21.67 6.92
C GLY A 67 -23.17 21.09 6.28
N HIS A 68 -22.16 21.93 5.98
CA HIS A 68 -20.95 21.54 5.23
C HIS A 68 -19.69 21.99 5.96
N PRO A 69 -19.06 21.07 6.73
CA PRO A 69 -17.83 21.39 7.46
C PRO A 69 -16.68 21.93 6.60
N THR A 70 -16.52 21.48 5.35
CA THR A 70 -15.38 21.86 4.46
C THR A 70 -15.90 22.43 3.13
N ALA A 71 -15.02 23.08 2.39
CA ALA A 71 -15.28 23.57 1.02
C ALA A 71 -15.68 22.37 0.15
N GLY A 72 -16.36 22.65 -0.95
CA GLY A 72 -16.75 21.64 -1.95
C GLY A 72 -15.56 20.77 -2.36
N TRP A 73 -15.81 19.50 -2.64
CA TRP A 73 -14.70 18.57 -2.98
C TRP A 73 -14.10 18.89 -4.36
N TRP A 74 -14.85 19.53 -5.24
CA TRP A 74 -14.39 20.09 -6.53
C TRP A 74 -14.70 21.60 -6.52
N ASP A 75 -14.29 22.28 -5.47
CA ASP A 75 -14.65 23.69 -5.28
C ASP A 75 -14.27 24.51 -6.53
N GLY A 76 -15.21 25.32 -7.02
CA GLY A 76 -15.00 26.21 -8.19
C GLY A 76 -15.29 25.56 -9.52
N VAL A 77 -15.60 24.25 -9.58
CA VAL A 77 -15.77 23.56 -10.89
C VAL A 77 -17.08 24.01 -11.56
N ALA A 78 -18.06 24.41 -10.72
CA ALA A 78 -19.40 24.83 -11.18
C ALA A 78 -19.67 26.23 -10.66
N GLY A 79 -20.13 27.09 -11.55
CA GLY A 79 -20.39 28.49 -11.22
C GLY A 79 -20.40 29.33 -12.50
N PRO A 80 -20.65 30.64 -12.36
CA PRO A 80 -20.75 31.50 -13.52
C PRO A 80 -19.36 31.58 -14.16
N GLY A 81 -19.26 31.21 -15.42
CA GLY A 81 -18.00 31.18 -16.20
C GLY A 81 -17.06 30.04 -15.83
N ALA A 82 -17.44 29.16 -14.88
CA ALA A 82 -16.62 28.02 -14.41
C ALA A 82 -16.59 26.90 -15.47
N PRO A 83 -15.75 25.87 -15.32
CA PRO A 83 -15.68 24.78 -16.30
C PRO A 83 -17.07 24.17 -16.56
N ILE A 84 -17.87 23.99 -15.50
CA ILE A 84 -19.33 23.75 -15.69
C ILE A 84 -19.99 25.12 -15.50
N ASP A 85 -20.19 25.82 -16.62
CA ASP A 85 -20.71 27.21 -16.57
C ASP A 85 -22.20 27.17 -16.25
N THR A 86 -22.56 27.52 -15.02
CA THR A 86 -23.95 27.45 -14.54
C THR A 86 -24.81 28.57 -15.15
N ASP A 87 -24.22 29.50 -15.88
CA ASP A 87 -25.02 30.43 -16.71
C ASP A 87 -25.68 29.67 -17.86
N HIS A 88 -25.18 28.49 -18.23
CA HIS A 88 -25.71 27.67 -19.35
C HIS A 88 -26.11 26.26 -18.91
N TRP A 89 -25.41 25.71 -17.92
CA TRP A 89 -25.63 24.29 -17.51
C TRP A 89 -26.25 24.24 -16.12
N CYS A 90 -26.96 23.16 -15.84
CA CYS A 90 -27.48 22.81 -14.50
C CYS A 90 -26.62 21.66 -13.98
N ALA A 91 -25.69 21.98 -13.11
CA ALA A 91 -24.82 21.00 -12.42
C ALA A 91 -25.63 20.31 -11.33
N ILE A 92 -25.77 19.00 -11.37
CA ILE A 92 -26.50 18.26 -10.31
C ILE A 92 -25.54 17.20 -9.75
N ALA A 93 -25.48 17.12 -8.43
CA ALA A 93 -24.72 16.04 -7.78
C ALA A 93 -25.62 15.34 -6.78
N THR A 94 -25.55 14.03 -6.73
CA THR A 94 -26.17 13.26 -5.64
C THR A 94 -25.16 12.92 -4.56
N ASN A 95 -25.63 12.55 -3.38
CA ASN A 95 -24.89 11.65 -2.48
C ASN A 95 -25.21 10.24 -2.97
N VAL A 96 -24.19 9.47 -3.26
CA VAL A 96 -24.33 8.11 -3.84
C VAL A 96 -25.22 7.24 -2.93
N LEU A 97 -25.91 6.29 -3.54
CA LEU A 97 -26.53 5.16 -2.80
C LEU A 97 -25.44 4.45 -1.98
N GLY A 98 -25.69 4.21 -0.70
CA GLY A 98 -24.73 3.65 0.26
C GLY A 98 -24.01 4.72 1.05
N GLY A 99 -24.23 5.99 0.71
CA GLY A 99 -23.54 7.13 1.33
C GLY A 99 -23.97 7.39 2.77
N CYS A 100 -23.37 8.40 3.37
CA CYS A 100 -23.65 8.83 4.76
C CYS A 100 -23.95 10.33 4.86
N ARG A 101 -24.21 11.02 3.76
CA ARG A 101 -24.42 12.49 3.78
C ARG A 101 -25.79 12.78 3.18
N GLY A 102 -26.79 11.98 3.53
CA GLY A 102 -28.18 12.30 3.18
C GLY A 102 -28.85 11.17 2.43
N SER A 103 -28.11 10.33 1.72
CA SER A 103 -28.70 9.23 0.92
C SER A 103 -28.80 7.96 1.77
N THR A 104 -29.66 7.04 1.34
CA THR A 104 -29.85 5.74 2.01
C THR A 104 -28.50 5.01 2.07
N GLY A 105 -28.03 4.69 3.25
CA GLY A 105 -26.87 3.83 3.44
C GLY A 105 -26.97 3.03 4.72
N PRO A 106 -25.87 2.39 5.13
CA PRO A 106 -25.89 1.52 6.28
C PRO A 106 -26.34 2.19 7.59
N GLY A 107 -26.16 3.50 7.75
CA GLY A 107 -26.55 4.24 8.96
C GLY A 107 -28.02 4.61 8.91
N SER A 108 -28.66 4.48 7.75
CA SER A 108 -30.08 4.86 7.58
C SER A 108 -30.96 3.82 8.28
N LEU A 109 -32.18 4.19 8.64
CA LEU A 109 -33.10 3.23 9.30
C LEU A 109 -33.76 2.32 8.26
N ALA A 110 -33.71 1.03 8.54
CA ALA A 110 -34.41 -0.09 7.86
C ALA A 110 -35.89 -0.03 8.25
N PRO A 111 -36.75 -0.78 7.53
CA PRO A 111 -38.18 -0.89 7.87
C PRO A 111 -38.47 -1.21 9.34
N ASP A 112 -37.63 -2.03 9.96
CA ASP A 112 -37.77 -2.49 11.37
C ASP A 112 -37.37 -1.38 12.36
N GLY A 113 -37.07 -0.16 11.89
CA GLY A 113 -36.76 1.02 12.71
C GLY A 113 -35.34 1.05 13.28
N LYS A 114 -34.50 0.09 12.93
CA LYS A 114 -33.09 0.03 13.37
C LYS A 114 -32.21 0.37 12.16
N PRO A 115 -31.00 0.88 12.39
CA PRO A 115 -30.10 1.12 11.24
C PRO A 115 -29.94 -0.15 10.40
N TRP A 116 -29.77 0.04 9.09
CA TRP A 116 -29.51 -1.12 8.20
C TRP A 116 -28.34 -1.92 8.73
N GLY A 117 -27.19 -1.27 8.97
CA GLY A 117 -25.97 -1.96 9.43
C GLY A 117 -25.68 -3.19 8.59
N SER A 118 -25.54 -4.33 9.23
CA SER A 118 -25.17 -5.62 8.62
C SER A 118 -26.25 -6.09 7.66
N ARG A 119 -27.46 -5.53 7.71
CA ARG A 119 -28.56 -5.89 6.76
C ARG A 119 -28.50 -5.07 5.47
N PHE A 120 -27.64 -4.04 5.41
CA PHE A 120 -27.53 -3.25 4.16
C PHE A 120 -27.06 -4.20 3.07
N PRO A 121 -27.73 -4.18 1.91
CA PRO A 121 -27.37 -5.08 0.83
C PRO A 121 -26.01 -4.72 0.20
N GLN A 122 -25.45 -5.70 -0.48
CA GLN A 122 -24.23 -5.45 -1.28
C GLN A 122 -24.71 -4.72 -2.53
N ILE A 123 -24.22 -3.52 -2.76
CA ILE A 123 -24.59 -2.70 -3.95
C ILE A 123 -23.40 -2.66 -4.89
N THR A 124 -23.70 -2.47 -6.17
CA THR A 124 -22.73 -2.31 -7.25
C THR A 124 -22.73 -0.88 -7.77
N ILE A 125 -21.75 -0.59 -8.60
CA ILE A 125 -21.72 0.71 -9.32
C ILE A 125 -23.01 0.83 -10.13
N ARG A 126 -23.47 -0.27 -10.72
CA ARG A 126 -24.68 -0.17 -11.56
C ARG A 126 -25.89 0.19 -10.70
N ASP A 127 -25.94 -0.31 -9.47
CA ASP A 127 -27.01 0.09 -8.53
C ASP A 127 -26.92 1.60 -8.23
N GLN A 128 -25.71 2.15 -8.11
CA GLN A 128 -25.55 3.58 -7.86
C GLN A 128 -26.08 4.42 -9.05
N VAL A 129 -25.76 3.99 -10.28
CA VAL A 129 -26.31 4.63 -11.51
C VAL A 129 -27.84 4.55 -11.48
N ALA A 130 -28.40 3.40 -11.13
CA ALA A 130 -29.90 3.27 -11.11
C ALA A 130 -30.50 4.23 -10.10
N ALA A 131 -29.93 4.37 -8.91
CA ALA A 131 -30.46 5.28 -7.86
C ALA A 131 -30.43 6.72 -8.35
N ASP A 132 -29.31 7.12 -8.97
CA ASP A 132 -29.20 8.49 -9.51
C ASP A 132 -30.20 8.73 -10.64
N ARG A 133 -30.36 7.81 -11.57
CA ARG A 133 -31.31 7.94 -12.71
C ARG A 133 -32.71 8.07 -12.12
N ALA A 134 -33.00 7.28 -11.10
CA ALA A 134 -34.36 7.32 -10.48
C ALA A 134 -34.58 8.67 -9.80
N ALA A 135 -33.57 9.25 -9.12
CA ALA A 135 -33.69 10.54 -8.45
C ALA A 135 -33.97 11.59 -9.51
N LEU A 136 -33.17 11.61 -10.58
CA LEU A 136 -33.36 12.57 -11.67
C LEU A 136 -34.77 12.42 -12.24
N ALA A 137 -35.25 11.21 -12.42
CA ALA A 137 -36.59 10.99 -13.04
C ALA A 137 -37.67 11.61 -12.14
N ALA A 138 -37.54 11.48 -10.83
CA ALA A 138 -38.50 12.02 -9.84
C ALA A 138 -38.52 13.56 -9.94
N LEU A 139 -37.39 14.17 -10.29
CA LEU A 139 -37.22 15.63 -10.51
C LEU A 139 -37.67 16.03 -11.92
N GLY A 140 -38.19 15.09 -12.72
CA GLY A 140 -38.66 15.34 -14.09
C GLY A 140 -37.57 15.36 -15.15
N ILE A 141 -36.42 14.76 -14.86
CA ILE A 141 -35.24 14.77 -15.76
C ILE A 141 -35.00 13.35 -16.23
N THR A 142 -35.15 13.08 -17.52
CA THR A 142 -35.08 11.69 -18.07
C THR A 142 -33.83 11.47 -18.92
N GLU A 143 -33.09 12.55 -19.21
CA GLU A 143 -31.82 12.47 -19.98
C GLU A 143 -30.85 13.50 -19.38
N VAL A 144 -29.54 13.31 -19.57
CA VAL A 144 -28.57 14.34 -19.11
C VAL A 144 -27.71 14.73 -20.31
N ALA A 145 -27.19 15.95 -20.28
CA ALA A 145 -26.24 16.41 -21.30
C ALA A 145 -24.91 15.68 -21.10
N ALA A 146 -24.44 15.63 -19.86
CA ALA A 146 -23.17 14.95 -19.60
C ALA A 146 -23.11 14.33 -18.22
N VAL A 147 -22.20 13.37 -18.08
CA VAL A 147 -21.79 12.80 -16.78
C VAL A 147 -20.29 13.05 -16.64
N VAL A 148 -19.88 13.49 -15.47
CA VAL A 148 -18.44 13.77 -15.19
C VAL A 148 -18.10 13.15 -13.86
N GLY A 149 -16.94 12.49 -13.79
CA GLY A 149 -16.46 12.05 -12.47
C GLY A 149 -15.07 11.47 -12.56
N GLY A 150 -14.37 11.49 -11.43
CA GLY A 150 -13.07 10.81 -11.26
C GLY A 150 -13.15 9.70 -10.23
N SER A 151 -12.29 8.69 -10.32
CA SER A 151 -12.17 7.63 -9.31
C SER A 151 -13.50 6.85 -9.26
N MET A 152 -14.08 6.57 -8.10
CA MET A 152 -15.41 5.92 -8.07
C MET A 152 -16.39 6.72 -8.91
N GLY A 153 -16.25 8.04 -8.97
CA GLY A 153 -17.12 8.86 -9.81
C GLY A 153 -16.91 8.57 -11.29
N GLY A 154 -15.68 8.24 -11.68
CA GLY A 154 -15.40 7.81 -13.06
C GLY A 154 -16.01 6.44 -13.34
N ALA A 155 -16.02 5.51 -12.39
CA ALA A 155 -16.71 4.20 -12.55
C ALA A 155 -18.21 4.44 -12.72
N ARG A 156 -18.77 5.35 -11.92
CA ARG A 156 -20.21 5.69 -12.04
C ARG A 156 -20.47 6.28 -13.44
N ALA A 157 -19.65 7.22 -13.85
CA ALA A 157 -19.78 7.88 -15.16
C ALA A 157 -19.69 6.83 -16.29
N LEU A 158 -18.68 5.95 -16.24
CA LEU A 158 -18.47 4.96 -17.30
C LEU A 158 -19.69 4.01 -17.35
N GLU A 159 -20.17 3.55 -16.20
CA GLU A 159 -21.37 2.64 -16.22
C GLU A 159 -22.56 3.40 -16.78
N TRP A 160 -22.70 4.65 -16.45
CA TRP A 160 -23.83 5.46 -16.95
C TRP A 160 -23.75 5.53 -18.47
N LEU A 161 -22.55 5.81 -19.01
CA LEU A 161 -22.36 5.91 -20.48
C LEU A 161 -22.62 4.57 -21.16
N VAL A 162 -22.11 3.48 -20.62
CA VAL A 162 -22.22 2.17 -21.31
C VAL A 162 -23.65 1.64 -21.13
N THR A 163 -24.25 1.85 -20.00
CA THR A 163 -25.59 1.27 -19.70
C THR A 163 -26.67 2.07 -20.41
N HIS A 164 -26.55 3.38 -20.52
CA HIS A 164 -27.62 4.30 -21.01
C HIS A 164 -27.11 5.29 -22.05
N PRO A 165 -26.46 4.83 -23.15
CA PRO A 165 -25.87 5.74 -24.12
C PRO A 165 -26.89 6.67 -24.81
N ASP A 166 -28.15 6.22 -24.93
CA ASP A 166 -29.21 7.07 -25.53
C ASP A 166 -29.61 8.24 -24.63
N ASP A 167 -29.19 8.27 -23.37
CA ASP A 167 -29.71 9.27 -22.41
C ASP A 167 -28.57 10.12 -21.83
N VAL A 168 -27.43 10.17 -22.53
CA VAL A 168 -26.24 11.01 -22.19
C VAL A 168 -25.62 11.49 -23.50
N ARG A 169 -25.27 12.76 -23.62
CA ARG A 169 -24.69 13.30 -24.87
C ARG A 169 -23.17 13.21 -24.83
N ALA A 170 -22.51 13.29 -23.67
CA ALA A 170 -21.04 13.16 -23.58
C ALA A 170 -20.65 12.82 -22.16
N GLY A 171 -19.42 12.36 -21.97
CA GLY A 171 -18.96 12.05 -20.61
C GLY A 171 -17.49 12.37 -20.41
N LEU A 172 -17.13 12.63 -19.15
CA LEU A 172 -15.74 12.64 -18.68
C LEU A 172 -15.57 11.42 -17.77
N VAL A 173 -14.66 10.55 -18.13
CA VAL A 173 -14.26 9.37 -17.34
C VAL A 173 -12.79 9.62 -16.94
N LEU A 174 -12.55 9.88 -15.67
CA LEU A 174 -11.23 10.35 -15.19
C LEU A 174 -10.71 9.39 -14.15
N ALA A 175 -9.50 8.89 -14.33
CA ALA A 175 -8.73 8.20 -13.28
C ALA A 175 -9.50 6.98 -12.74
N VAL A 176 -9.85 6.10 -13.63
CA VAL A 176 -10.51 4.82 -13.33
C VAL A 176 -10.20 3.84 -14.46
N GLY A 177 -10.47 2.56 -14.21
CA GLY A 177 -10.39 1.51 -15.22
C GLY A 177 -11.76 1.01 -15.63
N ALA A 178 -11.80 0.12 -16.61
CA ALA A 178 -13.03 -0.53 -17.10
C ALA A 178 -13.56 -1.53 -16.08
N ARG A 179 -12.67 -2.14 -15.28
CA ARG A 179 -13.06 -3.03 -14.17
C ARG A 179 -12.08 -2.84 -13.02
N ALA A 180 -12.47 -3.24 -11.83
CA ALA A 180 -11.51 -3.31 -10.71
C ALA A 180 -10.35 -4.25 -11.06
N THR A 181 -9.13 -3.84 -10.73
CA THR A 181 -7.93 -4.67 -10.90
C THR A 181 -7.65 -5.46 -9.62
N ALA A 182 -6.75 -6.46 -9.71
CA ALA A 182 -6.36 -7.25 -8.54
C ALA A 182 -5.80 -6.34 -7.46
N ASP A 183 -4.93 -5.39 -7.82
CA ASP A 183 -4.34 -4.50 -6.76
C ASP A 183 -5.47 -3.72 -6.07
N GLN A 184 -6.39 -3.16 -6.83
CA GLN A 184 -7.50 -2.34 -6.29
C GLN A 184 -8.28 -3.22 -5.33
N ILE A 185 -8.67 -4.42 -5.76
CA ILE A 185 -9.46 -5.32 -4.89
C ILE A 185 -8.65 -5.68 -3.68
N GLY A 186 -7.35 -5.92 -3.88
CA GLY A 186 -6.52 -6.28 -2.75
C GLY A 186 -6.51 -5.19 -1.70
N THR A 187 -6.32 -3.92 -2.09
CA THR A 187 -6.22 -2.84 -1.09
C THR A 187 -7.62 -2.56 -0.53
N GLN A 188 -8.63 -2.54 -1.40
CA GLN A 188 -10.04 -2.29 -0.99
C GLN A 188 -10.46 -3.37 0.02
N SER A 189 -10.25 -4.65 -0.31
CA SER A 189 -10.73 -5.72 0.60
C SER A 189 -9.94 -5.68 1.89
N THR A 190 -8.66 -5.29 1.86
CA THR A 190 -7.85 -5.27 3.09
C THR A 190 -8.22 -4.05 3.96
N GLN A 191 -8.54 -2.92 3.32
CA GLN A 191 -9.10 -1.73 4.01
C GLN A 191 -10.38 -2.10 4.74
N VAL A 192 -11.24 -2.84 4.05
CA VAL A 192 -12.50 -3.33 4.68
C VAL A 192 -12.12 -4.28 5.81
N ALA A 193 -11.18 -5.19 5.63
CA ALA A 193 -10.79 -6.11 6.72
C ALA A 193 -10.31 -5.33 7.95
N ALA A 194 -9.59 -4.22 7.75
CA ALA A 194 -9.08 -3.38 8.85
C ALA A 194 -10.26 -2.82 9.67
N ILE A 195 -11.30 -2.37 9.00
CA ILE A 195 -12.54 -1.89 9.66
C ILE A 195 -13.22 -3.04 10.40
N LYS A 196 -13.37 -4.20 9.76
CA LYS A 196 -14.10 -5.34 10.38
C LYS A 196 -13.30 -5.94 11.52
N ALA A 197 -11.99 -5.72 11.57
CA ALA A 197 -11.12 -6.25 12.64
C ALA A 197 -11.28 -5.46 13.93
N ASP A 198 -11.76 -4.23 13.84
CA ASP A 198 -11.91 -3.28 14.97
C ASP A 198 -13.04 -3.82 15.83
N PRO A 199 -12.82 -4.06 17.14
CA PRO A 199 -13.87 -4.73 17.91
C PRO A 199 -15.14 -3.87 17.95
N ASP A 200 -15.03 -2.57 17.78
CA ASP A 200 -16.24 -1.69 17.77
C ASP A 200 -17.08 -1.85 16.48
N TRP A 201 -16.63 -2.60 15.47
CA TRP A 201 -17.46 -2.88 14.26
C TRP A 201 -18.78 -3.53 14.66
N GLN A 202 -18.75 -4.42 15.64
CA GLN A 202 -19.97 -5.11 16.17
C GLN A 202 -20.76 -5.71 15.01
N GLY A 203 -20.07 -6.39 14.11
CA GLY A 203 -20.67 -7.08 12.96
C GLY A 203 -21.28 -6.12 11.93
N GLY A 204 -20.99 -4.82 12.01
CA GLY A 204 -21.59 -3.78 11.16
C GLY A 204 -22.79 -3.13 11.79
N ASP A 205 -23.18 -3.60 12.99
CA ASP A 205 -24.35 -3.04 13.70
C ASP A 205 -23.91 -2.17 14.87
N TYR A 206 -22.96 -1.26 14.64
CA TYR A 206 -22.42 -0.35 15.67
C TYR A 206 -23.25 0.93 15.70
N HIS A 207 -24.05 1.18 14.66
CA HIS A 207 -24.82 2.46 14.53
C HIS A 207 -25.73 2.61 15.76
N GLY A 208 -25.58 3.71 16.47
CA GLY A 208 -26.46 4.02 17.62
C GLY A 208 -25.97 3.43 18.92
N THR A 209 -24.85 2.70 18.94
CA THR A 209 -24.37 1.98 20.16
C THR A 209 -23.49 2.89 21.02
N GLY A 210 -23.00 4.01 20.50
CA GLY A 210 -22.04 4.88 21.19
C GLY A 210 -20.61 4.43 21.00
N ARG A 211 -20.37 3.36 20.23
CA ARG A 211 -19.02 2.88 19.84
C ARG A 211 -19.04 2.74 18.31
N ALA A 212 -17.90 2.99 17.66
CA ALA A 212 -17.81 2.85 16.19
C ALA A 212 -16.38 2.48 15.87
N PRO A 213 -16.18 1.74 14.76
CA PRO A 213 -14.83 1.27 14.39
C PRO A 213 -14.05 2.37 13.67
N THR A 214 -13.91 3.53 14.30
CA THR A 214 -13.21 4.69 13.72
C THR A 214 -11.71 4.35 13.61
N GLU A 215 -11.17 3.66 14.61
CA GLU A 215 -9.72 3.30 14.59
C GLU A 215 -9.43 2.45 13.33
N GLY A 216 -10.25 1.42 13.04
CA GLY A 216 -10.00 0.57 11.87
C GLY A 216 -10.18 1.39 10.60
N MET A 217 -11.13 2.30 10.59
CA MET A 217 -11.31 3.13 9.36
C MET A 217 -10.12 4.08 9.20
N GLU A 218 -9.57 4.62 10.30
CA GLU A 218 -8.39 5.49 10.17
C GLU A 218 -7.24 4.68 9.58
N ILE A 219 -7.07 3.44 9.97
CA ILE A 219 -6.02 2.57 9.40
C ILE A 219 -6.31 2.44 7.90
N ALA A 220 -7.54 2.12 7.51
CA ALA A 220 -7.92 1.92 6.12
C ALA A 220 -7.58 3.19 5.33
N ARG A 221 -7.93 4.34 5.86
CA ARG A 221 -7.74 5.63 5.16
C ARG A 221 -6.25 5.94 5.02
N ARG A 222 -5.43 5.61 6.01
CA ARG A 222 -3.94 5.86 5.92
C ARG A 222 -3.41 5.08 4.71
N PHE A 223 -3.74 3.79 4.61
CA PHE A 223 -3.28 2.98 3.46
C PHE A 223 -3.88 3.51 2.17
N ALA A 224 -5.17 3.86 2.13
CA ALA A 224 -5.79 4.37 0.89
C ALA A 224 -5.04 5.65 0.49
N HIS A 225 -4.76 6.53 1.46
CA HIS A 225 -4.13 7.82 1.14
C HIS A 225 -2.78 7.57 0.45
N LEU A 226 -2.03 6.57 0.91
CA LEU A 226 -0.76 6.24 0.22
C LEU A 226 -1.03 5.83 -1.22
N THR A 227 -2.06 5.04 -1.47
CA THR A 227 -2.41 4.67 -2.86
C THR A 227 -2.75 5.89 -3.70
N TYR A 228 -3.23 6.97 -3.06
CA TYR A 228 -3.67 8.19 -3.79
C TYR A 228 -2.50 9.11 -4.13
N ARG A 229 -1.33 8.91 -3.54
CA ARG A 229 -0.19 9.84 -3.71
C ARG A 229 0.73 9.41 -4.84
N GLY A 230 1.50 10.37 -5.34
CA GLY A 230 2.65 10.08 -6.22
C GLY A 230 3.85 9.75 -5.37
N GLU A 231 4.52 8.64 -5.66
CA GLU A 231 5.59 8.19 -4.74
C GLU A 231 6.68 9.29 -4.64
N GLU A 232 7.11 9.83 -5.76
CA GLU A 232 8.24 10.80 -5.77
C GLU A 232 7.78 12.07 -5.06
N GLU A 233 6.57 12.57 -5.33
CA GLU A 233 6.09 13.80 -4.69
C GLU A 233 6.06 13.61 -3.16
N LEU A 234 5.63 12.46 -2.71
CA LEU A 234 5.52 12.22 -1.28
C LEU A 234 6.92 12.29 -0.67
N ASP A 235 7.90 11.69 -1.33
CA ASP A 235 9.27 11.70 -0.79
C ASP A 235 9.85 13.12 -0.88
N ASP A 236 9.55 13.85 -1.93
CA ASP A 236 10.03 15.26 -2.04
C ASP A 236 9.40 16.11 -0.94
N ARG A 237 8.16 15.85 -0.58
CA ARG A 237 7.48 16.68 0.42
C ARG A 237 8.02 16.35 1.81
N PHE A 238 8.11 15.08 2.17
CA PHE A 238 8.30 14.68 3.58
C PHE A 238 9.65 13.97 3.78
N ALA A 239 10.18 13.31 2.75
CA ALA A 239 11.35 12.42 2.88
C ALA A 239 11.22 11.59 4.15
N ASN A 240 12.29 11.45 4.91
CA ASN A 240 12.31 10.76 6.23
C ASN A 240 12.40 11.80 7.34
N THR A 241 11.94 13.03 7.10
CA THR A 241 12.05 14.10 8.10
C THR A 241 11.19 13.76 9.30
N PRO A 242 11.66 14.09 10.51
CA PRO A 242 10.82 13.98 11.68
C PRO A 242 9.67 14.97 11.71
N GLN A 243 8.63 14.64 12.49
CA GLN A 243 7.54 15.59 12.76
C GLN A 243 8.00 16.65 13.80
N ASP A 244 7.97 17.92 13.43
CA ASP A 244 8.41 19.05 14.30
C ASP A 244 9.67 18.64 15.07
N ASP A 245 9.60 18.63 16.42
CA ASP A 245 10.75 18.44 17.34
C ASP A 245 10.84 16.96 17.77
N GLU A 246 9.98 16.08 17.24
CA GLU A 246 9.98 14.67 17.71
C GLU A 246 11.23 13.95 17.21
N ASP A 247 11.62 12.91 17.90
CA ASP A 247 12.82 12.11 17.58
C ASP A 247 12.38 10.70 17.28
N PRO A 248 12.25 10.31 15.99
CA PRO A 248 11.89 8.94 15.69
C PRO A 248 12.83 7.89 16.25
N LEU A 249 14.08 8.19 16.53
CA LEU A 249 15.04 7.21 17.09
C LEU A 249 14.68 6.82 18.54
N THR A 250 13.83 7.61 19.22
CA THR A 250 13.42 7.27 20.60
C THR A 250 11.90 7.18 20.69
N GLY A 251 11.24 6.94 19.55
CA GLY A 251 9.83 6.56 19.46
C GLY A 251 8.94 7.67 18.95
N GLY A 252 9.48 8.82 18.53
CA GLY A 252 8.72 9.90 17.93
C GLY A 252 8.23 9.57 16.53
N ARG A 253 7.49 10.49 15.95
CA ARG A 253 6.88 10.28 14.60
C ARG A 253 7.74 10.92 13.53
N TYR A 254 7.64 10.37 12.35
CA TYR A 254 8.11 11.01 11.09
C TYR A 254 7.02 11.94 10.59
N ALA A 255 7.39 12.94 9.78
CA ALA A 255 6.42 13.91 9.24
C ALA A 255 5.35 13.16 8.41
N VAL A 256 5.75 12.21 7.56
CA VAL A 256 4.76 11.53 6.69
C VAL A 256 3.77 10.77 7.58
N GLN A 257 4.26 10.21 8.67
CA GLN A 257 3.45 9.42 9.63
C GLN A 257 2.44 10.35 10.30
N SER A 258 2.91 11.48 10.80
CA SER A 258 2.01 12.48 11.42
C SER A 258 0.95 12.93 10.41
N TYR A 259 1.31 13.16 9.16
CA TYR A 259 0.40 13.63 8.09
C TYR A 259 -0.67 12.54 7.87
N LEU A 260 -0.26 11.27 7.78
CA LEU A 260 -1.22 10.15 7.60
C LEU A 260 -2.13 10.07 8.83
N GLU A 261 -1.60 10.18 10.05
CA GLU A 261 -2.45 10.11 11.25
C GLU A 261 -3.49 11.23 11.16
N TYR A 262 -3.08 12.42 10.75
CA TYR A 262 -4.01 13.56 10.62
C TYR A 262 -5.10 13.22 9.58
N GLN A 263 -4.72 12.68 8.43
CA GLN A 263 -5.69 12.38 7.34
C GLN A 263 -6.70 11.37 7.87
N GLY A 264 -6.25 10.39 8.64
CA GLY A 264 -7.16 9.41 9.22
C GLY A 264 -8.17 10.11 10.10
N GLY A 265 -7.68 10.91 11.05
CA GLY A 265 -8.60 11.55 12.00
C GLY A 265 -9.60 12.44 11.26
N LYS A 266 -9.18 13.20 10.27
CA LYS A 266 -10.08 14.09 9.50
C LYS A 266 -11.24 13.25 8.94
N LEU A 267 -10.96 12.08 8.38
CA LEU A 267 -12.03 11.26 7.82
C LEU A 267 -12.93 10.76 8.94
N ALA A 268 -12.37 10.40 10.07
CA ALA A 268 -13.13 9.85 11.21
C ALA A 268 -14.13 10.92 11.68
N ARG A 269 -13.85 12.19 11.49
CA ARG A 269 -14.76 13.26 12.01
C ARG A 269 -15.93 13.49 11.03
N ARG A 270 -15.93 12.92 9.82
CA ARG A 270 -16.89 13.30 8.78
C ARG A 270 -17.51 12.10 8.07
N PHE A 271 -17.02 10.86 8.29
CA PHE A 271 -17.41 9.76 7.38
C PHE A 271 -17.69 8.50 8.17
N ASP A 272 -18.71 7.78 7.70
CA ASP A 272 -19.15 6.55 8.41
C ASP A 272 -18.37 5.32 7.96
N PRO A 273 -17.84 4.52 8.91
CA PRO A 273 -17.18 3.24 8.57
C PRO A 273 -18.00 2.28 7.69
N GLY A 274 -19.29 2.12 8.02
CA GLY A 274 -20.16 1.22 7.26
C GLY A 274 -20.28 1.67 5.82
N THR A 275 -20.42 2.96 5.58
CA THR A 275 -20.42 3.49 4.19
C THR A 275 -19.05 3.18 3.53
N TYR A 276 -17.97 3.36 4.25
CA TYR A 276 -16.61 3.06 3.71
C TYR A 276 -16.61 1.62 3.19
N VAL A 277 -17.12 0.68 4.00
CA VAL A 277 -17.19 -0.75 3.63
C VAL A 277 -18.08 -0.94 2.40
N VAL A 278 -19.30 -0.41 2.41
CA VAL A 278 -20.24 -0.67 1.31
C VAL A 278 -19.68 -0.12 -0.02
N LEU A 279 -19.12 1.06 0.02
CA LEU A 279 -18.62 1.75 -1.22
C LEU A 279 -17.31 1.10 -1.66
N SER A 280 -16.48 0.63 -0.72
CA SER A 280 -15.23 -0.10 -1.08
C SER A 280 -15.62 -1.40 -1.79
N ASP A 281 -16.64 -2.09 -1.30
CA ASP A 281 -17.10 -3.34 -1.94
C ASP A 281 -17.73 -3.02 -3.28
N ALA A 282 -18.42 -1.87 -3.45
CA ALA A 282 -18.97 -1.47 -4.76
C ALA A 282 -17.81 -1.19 -5.73
N LEU A 283 -16.72 -0.60 -5.24
CA LEU A 283 -15.54 -0.40 -6.12
C LEU A 283 -14.97 -1.76 -6.54
N SER A 284 -14.89 -2.73 -5.66
CA SER A 284 -14.30 -4.05 -5.98
C SER A 284 -15.17 -4.76 -7.04
N SER A 285 -16.50 -4.50 -7.00
CA SER A 285 -17.55 -5.01 -7.93
C SER A 285 -17.41 -4.42 -9.32
N HIS A 286 -16.68 -3.36 -9.49
CA HIS A 286 -16.70 -2.58 -10.75
C HIS A 286 -16.25 -3.45 -11.92
N ASP A 287 -17.07 -3.53 -12.97
CA ASP A 287 -16.72 -4.34 -14.16
C ASP A 287 -17.74 -4.01 -15.24
N VAL A 288 -17.40 -3.13 -16.16
CA VAL A 288 -18.34 -2.72 -17.22
C VAL A 288 -18.62 -3.89 -18.14
N GLY A 289 -17.82 -4.96 -18.09
CA GLY A 289 -18.01 -6.11 -18.99
C GLY A 289 -19.00 -7.11 -18.45
N ARG A 290 -19.35 -7.07 -17.16
CA ARG A 290 -20.16 -8.14 -16.55
C ARG A 290 -21.52 -8.24 -17.27
N GLY A 291 -21.87 -9.46 -17.69
CA GLY A 291 -23.16 -9.71 -18.38
C GLY A 291 -23.20 -9.17 -19.80
N ARG A 292 -22.09 -8.69 -20.35
CA ARG A 292 -22.05 -7.96 -21.64
C ARG A 292 -20.98 -8.55 -22.56
N GLY A 293 -20.38 -9.70 -22.22
CA GLY A 293 -19.40 -10.31 -23.12
C GLY A 293 -18.00 -9.79 -22.84
N GLY A 294 -17.82 -9.15 -21.69
CA GLY A 294 -16.50 -8.68 -21.26
C GLY A 294 -16.22 -7.23 -21.58
N VAL A 295 -15.13 -6.72 -21.02
CA VAL A 295 -14.84 -5.28 -21.07
C VAL A 295 -14.73 -4.78 -22.52
N GLU A 296 -14.02 -5.51 -23.38
CA GLU A 296 -13.80 -4.99 -24.75
C GLU A 296 -15.16 -4.86 -25.48
N ALA A 297 -15.99 -5.88 -25.43
CA ALA A 297 -17.30 -5.88 -26.08
C ALA A 297 -18.11 -4.69 -25.53
N ALA A 298 -18.11 -4.48 -24.20
CA ALA A 298 -18.99 -3.48 -23.55
C ALA A 298 -18.51 -2.10 -23.95
N LEU A 299 -17.20 -1.84 -23.95
CA LEU A 299 -16.72 -0.49 -24.33
C LEU A 299 -16.96 -0.23 -25.82
N ARG A 300 -16.69 -1.23 -26.68
CA ARG A 300 -16.89 -1.03 -28.13
C ARG A 300 -18.37 -0.73 -28.42
N SER A 301 -19.29 -1.25 -27.62
CA SER A 301 -20.76 -1.06 -27.78
C SER A 301 -21.18 0.37 -27.56
N CYS A 302 -20.36 1.19 -26.89
CA CYS A 302 -20.79 2.51 -26.40
C CYS A 302 -20.41 3.60 -27.39
N PRO A 303 -21.35 4.27 -28.08
CA PRO A 303 -21.00 5.25 -29.10
C PRO A 303 -20.86 6.69 -28.59
N VAL A 304 -21.00 6.91 -27.28
CA VAL A 304 -21.11 8.28 -26.75
C VAL A 304 -19.75 8.96 -26.84
N PRO A 305 -19.68 10.23 -27.24
CA PRO A 305 -18.43 11.01 -27.17
C PRO A 305 -17.96 11.00 -25.69
N VAL A 306 -16.67 10.73 -25.49
CA VAL A 306 -16.13 10.56 -24.11
C VAL A 306 -14.71 11.15 -24.10
N VAL A 307 -14.46 12.01 -23.12
CA VAL A 307 -13.11 12.44 -22.74
C VAL A 307 -12.63 11.47 -21.67
N VAL A 308 -11.51 10.78 -21.92
CA VAL A 308 -10.88 9.84 -20.98
C VAL A 308 -9.63 10.53 -20.46
N GLY A 309 -9.53 10.75 -19.14
CA GLY A 309 -8.34 11.40 -18.52
C GLY A 309 -7.63 10.42 -17.58
N GLY A 310 -6.29 10.34 -17.65
CA GLY A 310 -5.52 9.55 -16.70
C GLY A 310 -4.31 10.32 -16.23
N ILE A 311 -3.91 10.07 -15.01
CA ILE A 311 -2.81 10.85 -14.37
C ILE A 311 -1.53 10.03 -14.47
N THR A 312 -0.43 10.65 -14.91
CA THR A 312 0.81 9.92 -15.22
C THR A 312 1.29 9.17 -13.97
N SER A 313 1.25 9.80 -12.80
CA SER A 313 1.80 9.29 -11.53
C SER A 313 0.83 8.47 -10.70
N ASP A 314 -0.37 8.19 -11.23
CA ASP A 314 -1.41 7.47 -10.46
C ASP A 314 -0.92 6.05 -10.17
N ARG A 315 -0.92 5.66 -8.91
CA ARG A 315 -0.48 4.33 -8.42
C ARG A 315 -1.68 3.43 -8.18
N LEU A 316 -2.88 3.96 -8.10
CA LEU A 316 -4.08 3.16 -7.72
C LEU A 316 -4.82 2.76 -8.99
N TYR A 317 -4.99 3.68 -9.94
CA TYR A 317 -5.62 3.44 -11.27
C TYR A 317 -4.58 3.83 -12.30
N PRO A 318 -3.53 2.98 -12.44
CA PRO A 318 -2.41 3.36 -13.30
C PRO A 318 -2.88 3.65 -14.71
N ILE A 319 -2.12 4.49 -15.40
CA ILE A 319 -2.53 5.06 -16.72
C ILE A 319 -2.77 3.98 -17.79
N ARG A 320 -2.20 2.77 -17.66
CA ARG A 320 -2.51 1.67 -18.62
C ARG A 320 -4.03 1.49 -18.69
N LEU A 321 -4.70 1.67 -17.56
CA LEU A 321 -6.18 1.44 -17.51
C LEU A 321 -6.89 2.50 -18.34
N GLN A 322 -6.45 3.76 -18.30
CA GLN A 322 -7.14 4.82 -19.05
C GLN A 322 -6.73 4.69 -20.52
N GLN A 323 -5.52 4.21 -20.81
CA GLN A 323 -5.15 3.93 -22.23
C GLN A 323 -6.13 2.89 -22.80
N GLU A 324 -6.42 1.85 -22.03
CA GLU A 324 -7.37 0.80 -22.44
C GLU A 324 -8.71 1.45 -22.78
N LEU A 325 -9.24 2.27 -21.88
CA LEU A 325 -10.56 2.91 -22.09
C LEU A 325 -10.49 3.72 -23.37
N ALA A 326 -9.43 4.50 -23.56
CA ALA A 326 -9.29 5.41 -24.70
C ALA A 326 -9.24 4.61 -25.99
N GLU A 327 -8.55 3.46 -25.99
CA GLU A 327 -8.40 2.63 -27.22
C GLU A 327 -9.76 2.02 -27.59
N LEU A 328 -10.58 1.65 -26.62
CA LEU A 328 -11.76 0.79 -26.92
C LEU A 328 -13.02 1.61 -27.09
N LEU A 329 -13.17 2.74 -26.41
CA LEU A 329 -14.38 3.58 -26.51
C LEU A 329 -14.35 4.29 -27.86
N PRO A 330 -15.28 3.96 -28.79
CA PRO A 330 -15.20 4.58 -30.11
C PRO A 330 -15.40 6.10 -30.11
N GLY A 331 -16.08 6.66 -29.09
CA GLY A 331 -16.32 8.09 -28.96
C GLY A 331 -15.15 8.82 -28.30
N CYS A 332 -14.07 8.13 -28.01
CA CYS A 332 -12.85 8.75 -27.38
C CYS A 332 -11.85 9.04 -28.51
N GLN A 333 -11.38 10.27 -28.57
CA GLN A 333 -10.47 10.76 -29.64
C GLN A 333 -9.02 10.53 -29.23
N GLY A 334 -8.75 10.10 -27.99
CA GLY A 334 -7.40 9.73 -27.56
C GLY A 334 -7.29 9.96 -26.06
N LEU A 335 -6.37 9.28 -25.40
CA LEU A 335 -6.12 9.50 -23.96
C LEU A 335 -5.67 10.93 -23.66
N ASP A 336 -6.38 11.61 -22.78
CA ASP A 336 -5.97 12.90 -22.24
C ASP A 336 -5.06 12.60 -21.03
N VAL A 337 -3.77 12.85 -21.23
CA VAL A 337 -2.73 12.55 -20.23
C VAL A 337 -2.57 13.76 -19.32
N VAL A 338 -2.87 13.60 -18.04
CA VAL A 338 -2.72 14.65 -17.02
C VAL A 338 -1.33 14.43 -16.43
N ASP A 339 -0.37 15.23 -16.87
CA ASP A 339 1.06 15.04 -16.53
C ASP A 339 1.24 15.81 -15.23
N SER A 340 1.13 15.06 -14.13
CA SER A 340 1.03 15.59 -12.77
C SER A 340 1.85 14.72 -11.85
N ILE A 341 2.47 15.30 -10.83
CA ILE A 341 3.22 14.56 -9.78
C ILE A 341 2.29 14.09 -8.67
N TYR A 342 1.01 14.40 -8.66
CA TYR A 342 0.21 14.32 -7.42
C TYR A 342 -0.56 13.00 -7.35
N GLY A 343 -0.19 12.01 -8.17
CA GLY A 343 -0.85 10.70 -8.06
C GLY A 343 -2.35 10.74 -8.38
N HIS A 344 -3.03 9.70 -7.95
CA HIS A 344 -4.47 9.60 -8.11
C HIS A 344 -5.17 10.85 -7.58
N ASP A 345 -4.72 11.42 -6.48
CA ASP A 345 -5.33 12.65 -5.92
C ASP A 345 -5.24 13.81 -6.89
N GLY A 346 -4.41 13.74 -7.92
CA GLY A 346 -4.46 14.70 -9.02
C GLY A 346 -5.91 14.94 -9.48
N PHE A 347 -6.81 13.97 -9.43
CA PHE A 347 -8.21 14.16 -9.94
C PHE A 347 -8.93 15.17 -9.07
N LEU A 348 -8.52 15.34 -7.81
CA LEU A 348 -9.06 16.41 -6.93
C LEU A 348 -8.17 17.66 -7.00
N VAL A 349 -6.83 17.52 -7.07
CA VAL A 349 -5.91 18.69 -6.83
C VAL A 349 -5.71 19.50 -8.10
N GLU A 350 -5.75 18.86 -9.27
CA GLU A 350 -5.42 19.52 -10.55
C GLU A 350 -6.69 20.20 -11.09
N THR A 351 -7.17 21.23 -10.39
CA THR A 351 -8.48 21.82 -10.73
C THR A 351 -8.40 22.44 -12.12
N GLU A 352 -7.29 23.09 -12.44
CA GLU A 352 -7.17 23.80 -13.75
C GLU A 352 -7.20 22.77 -14.87
N LEU A 353 -6.42 21.70 -14.77
CA LEU A 353 -6.36 20.71 -15.86
C LEU A 353 -7.65 19.89 -15.94
N VAL A 354 -8.22 19.52 -14.82
CA VAL A 354 -9.53 18.78 -14.79
C VAL A 354 -10.60 19.72 -15.37
N GLY A 355 -10.56 21.02 -15.07
CA GLY A 355 -11.53 21.97 -15.65
C GLY A 355 -11.43 22.04 -17.16
N LYS A 356 -10.22 21.96 -17.72
CA LYS A 356 -10.02 21.96 -19.18
C LYS A 356 -10.73 20.75 -19.79
N LEU A 357 -10.59 19.57 -19.17
CA LEU A 357 -11.19 18.33 -19.65
C LEU A 357 -12.73 18.43 -19.52
N ILE A 358 -13.23 19.08 -18.49
CA ILE A 358 -14.72 19.27 -18.32
C ILE A 358 -15.20 20.18 -19.45
N ARG A 359 -14.49 21.28 -19.74
CA ARG A 359 -14.90 22.19 -20.84
C ARG A 359 -14.92 21.40 -22.15
N ARG A 360 -13.92 20.55 -22.43
CA ARG A 360 -13.93 19.75 -23.68
C ARG A 360 -15.15 18.84 -23.72
N THR A 361 -15.45 18.19 -22.59
CA THR A 361 -16.61 17.30 -22.50
C THR A 361 -17.89 18.09 -22.82
N LEU A 362 -18.05 19.29 -22.27
CA LEU A 362 -19.32 20.05 -22.45
C LEU A 362 -19.39 20.63 -23.85
N GLU A 363 -18.27 20.85 -24.51
CA GLU A 363 -18.27 21.14 -25.96
C GLU A 363 -18.86 19.96 -26.74
N LEU A 364 -18.44 18.74 -26.45
CA LEU A 364 -18.93 17.52 -27.14
C LEU A 364 -20.44 17.36 -26.88
N ALA A 365 -20.93 17.79 -25.72
CA ALA A 365 -22.34 17.61 -25.34
C ALA A 365 -23.20 18.55 -26.19
N GLN A 366 -22.60 19.66 -26.63
CA GLN A 366 -23.09 20.73 -27.55
C GLN A 366 -23.96 21.71 -26.74
N ALA B 1 37.91 -17.47 24.90
CA ALA B 1 36.95 -16.46 24.43
C ALA B 1 36.33 -16.94 23.11
N THR B 2 37.13 -17.22 22.06
CA THR B 2 36.61 -17.51 20.69
C THR B 2 35.67 -18.72 20.74
N VAL B 3 34.42 -18.48 20.33
CA VAL B 3 33.29 -19.44 20.21
C VAL B 3 33.44 -20.20 18.88
N PRO B 4 33.24 -21.52 18.83
CA PRO B 4 33.21 -22.25 17.56
C PRO B 4 31.92 -21.99 16.77
N LEU B 5 32.06 -21.98 15.44
CA LEU B 5 30.90 -22.04 14.53
C LEU B 5 30.09 -23.28 14.86
N PRO B 6 28.76 -23.22 14.68
CA PRO B 6 27.92 -24.40 14.72
C PRO B 6 28.27 -25.35 13.57
N ALA B 7 27.93 -26.63 13.71
CA ALA B 7 27.99 -27.58 12.59
C ALA B 7 27.15 -27.02 11.46
N GLU B 8 27.54 -27.34 10.24
CA GLU B 8 26.88 -26.86 9.00
C GLU B 8 25.37 -27.02 9.05
N GLY B 9 24.64 -25.93 8.76
CA GLY B 9 23.18 -25.96 8.73
C GLY B 9 22.53 -25.80 10.10
N GLU B 10 23.20 -26.15 11.20
CA GLU B 10 22.56 -26.11 12.55
C GLU B 10 22.59 -24.70 13.13
N ILE B 11 21.68 -24.44 14.06
CA ILE B 11 21.68 -23.13 14.77
C ILE B 11 22.73 -23.12 15.87
N GLY B 12 23.58 -22.07 15.86
CA GLY B 12 24.46 -21.70 16.97
C GLY B 12 23.98 -20.44 17.66
N LEU B 13 23.98 -20.41 19.00
CA LEU B 13 23.54 -19.21 19.74
C LEU B 13 24.77 -18.52 20.28
N VAL B 14 25.12 -17.38 19.70
CA VAL B 14 26.36 -16.67 20.05
C VAL B 14 26.01 -15.61 21.08
N HIS B 15 26.55 -15.71 22.28
CA HIS B 15 26.25 -14.71 23.34
C HIS B 15 27.28 -13.59 23.25
N ILE B 16 26.86 -12.36 22.92
CA ILE B 16 27.80 -11.23 22.67
C ILE B 16 27.82 -10.26 23.85
N GLY B 17 27.02 -10.49 24.89
CA GLY B 17 27.01 -9.58 26.04
C GLY B 17 26.26 -8.32 25.73
N ALA B 18 26.53 -7.24 26.47
CA ALA B 18 25.82 -5.96 26.34
C ALA B 18 26.17 -5.34 24.98
N LEU B 19 25.20 -4.63 24.45
CA LEU B 19 25.38 -3.89 23.19
C LEU B 19 24.89 -2.47 23.42
N THR B 20 25.78 -1.49 23.25
CA THR B 20 25.39 -0.09 23.29
C THR B 20 24.74 0.25 21.94
N LEU B 21 23.51 0.71 21.99
CA LEU B 21 22.72 1.02 20.78
C LEU B 21 22.98 2.44 20.33
N GLU B 22 22.58 2.73 19.10
CA GLU B 22 22.76 4.06 18.50
C GLU B 22 22.07 5.16 19.32
N ASN B 23 20.92 4.88 19.96
CA ASN B 23 20.14 5.95 20.66
C ASN B 23 20.66 6.13 22.08
N GLY B 24 21.70 5.41 22.45
CA GLY B 24 22.34 5.51 23.77
C GLY B 24 21.81 4.50 24.78
N THR B 25 20.72 3.79 24.48
CA THR B 25 20.18 2.73 25.39
C THR B 25 21.15 1.55 25.39
N VAL B 26 21.43 0.95 26.55
CA VAL B 26 22.26 -0.29 26.62
C VAL B 26 21.30 -1.46 26.65
N LEU B 27 21.50 -2.41 25.74
CA LEU B 27 20.73 -3.67 25.70
C LEU B 27 21.63 -4.74 26.26
N PRO B 28 21.34 -5.22 27.51
CA PRO B 28 22.18 -6.26 28.08
C PRO B 28 22.02 -7.64 27.45
N ASP B 29 23.06 -8.45 27.58
CA ASP B 29 23.01 -9.93 27.46
C ASP B 29 22.37 -10.35 26.14
N VAL B 30 22.91 -9.86 25.03
CA VAL B 30 22.31 -10.15 23.69
C VAL B 30 22.80 -11.51 23.20
N THR B 31 21.92 -12.27 22.57
CA THR B 31 22.24 -13.53 21.88
C THR B 31 21.93 -13.33 20.40
N ILE B 32 22.84 -13.74 19.52
CA ILE B 32 22.59 -13.76 18.06
C ILE B 32 22.66 -15.20 17.58
N ALA B 33 21.59 -15.66 16.94
CA ALA B 33 21.47 -17.00 16.32
C ALA B 33 22.16 -16.98 14.96
N VAL B 34 22.95 -18.02 14.67
CA VAL B 34 23.82 -18.10 13.47
C VAL B 34 23.60 -19.47 12.80
N GLN B 35 23.54 -19.48 11.47
CA GLN B 35 23.68 -20.70 10.65
C GLN B 35 24.81 -20.46 9.67
N ARG B 36 25.56 -21.51 9.32
CA ARG B 36 26.62 -21.35 8.31
C ARG B 36 26.66 -22.58 7.39
N TRP B 37 27.12 -22.34 6.18
CA TRP B 37 27.35 -23.37 5.14
C TRP B 37 28.75 -23.15 4.56
N GLY B 38 29.56 -24.21 4.48
CA GLY B 38 30.94 -24.11 3.99
C GLY B 38 31.92 -24.04 5.15
N GLU B 39 33.15 -24.45 4.90
CA GLU B 39 34.23 -24.35 5.91
C GLU B 39 34.80 -22.93 5.99
N LEU B 40 35.18 -22.50 7.21
CA LEU B 40 35.93 -21.25 7.45
C LEU B 40 37.39 -21.51 7.06
N ALA B 41 37.97 -20.68 6.20
CA ALA B 41 39.39 -20.87 5.79
C ALA B 41 40.27 -20.64 7.01
N PRO B 42 41.46 -21.28 7.10
CA PRO B 42 42.38 -20.96 8.19
C PRO B 42 42.63 -19.47 8.38
N ASP B 43 42.78 -18.71 7.30
CA ASP B 43 43.07 -17.25 7.38
C ASP B 43 41.80 -16.41 7.67
N ARG B 44 40.65 -17.07 7.81
CA ARG B 44 39.32 -16.47 8.16
C ARG B 44 38.91 -15.45 7.11
N GLY B 45 39.47 -15.55 5.92
CA GLY B 45 39.29 -14.54 4.86
C GLY B 45 38.15 -14.87 3.90
N ASN B 46 37.39 -15.93 4.12
CA ASN B 46 36.40 -16.41 3.12
C ASN B 46 34.94 -16.31 3.61
N VAL B 47 34.64 -15.32 4.46
CA VAL B 47 33.26 -15.23 5.02
C VAL B 47 32.36 -14.39 4.11
N VAL B 48 31.20 -14.97 3.79
CA VAL B 48 30.12 -14.26 3.05
C VAL B 48 28.93 -14.11 4.00
N MET B 49 28.63 -12.87 4.38
CA MET B 49 27.55 -12.60 5.33
C MET B 49 26.26 -12.46 4.55
N VAL B 50 25.29 -13.31 4.84
CA VAL B 50 23.99 -13.30 4.13
C VAL B 50 22.99 -12.65 5.08
N LEU B 51 22.42 -11.54 4.62
CA LEU B 51 21.62 -10.67 5.50
C LEU B 51 20.14 -10.73 5.09
N HIS B 52 19.34 -11.32 5.97
CA HIS B 52 17.89 -11.54 5.71
C HIS B 52 17.06 -10.25 5.75
N ALA B 53 15.86 -10.37 5.20
CA ALA B 53 14.90 -9.25 5.10
C ALA B 53 13.87 -9.34 6.24
N LEU B 54 12.84 -8.48 6.20
CA LEU B 54 11.96 -8.25 7.37
C LEU B 54 11.55 -9.56 8.07
N THR B 55 11.00 -10.56 7.37
CA THR B 55 10.41 -11.72 8.05
C THR B 55 11.36 -12.92 7.87
N GLY B 56 12.54 -12.72 7.29
CA GLY B 56 13.51 -13.81 7.13
C GLY B 56 14.12 -14.23 8.45
N ASP B 57 15.01 -15.21 8.38
CA ASP B 57 15.75 -15.68 9.57
C ASP B 57 17.09 -16.22 9.08
N SER B 58 17.82 -16.99 9.89
CA SER B 58 19.16 -17.49 9.57
C SER B 58 19.09 -18.66 8.59
N HIS B 59 17.88 -19.16 8.29
CA HIS B 59 17.71 -20.37 7.43
C HIS B 59 17.70 -19.96 5.95
N VAL B 60 18.89 -19.71 5.43
CA VAL B 60 19.05 -19.20 4.05
C VAL B 60 18.69 -20.30 3.04
N THR B 61 19.13 -21.53 3.32
CA THR B 61 19.12 -22.63 2.34
C THR B 61 18.87 -23.94 3.08
N GLY B 62 18.33 -24.88 2.34
CA GLY B 62 18.07 -26.25 2.84
C GLY B 62 16.60 -26.50 3.04
N PRO B 63 16.23 -27.75 3.36
CA PRO B 63 14.83 -28.10 3.45
C PRO B 63 14.21 -27.68 4.80
N ALA B 64 12.88 -27.76 4.86
CA ALA B 64 12.09 -27.76 6.12
C ALA B 64 12.60 -28.90 7.03
N GLY B 65 12.50 -28.76 8.35
CA GLY B 65 12.98 -29.77 9.33
C GLY B 65 14.02 -29.22 10.29
N ASP B 66 14.44 -29.99 11.32
CA ASP B 66 15.36 -29.57 12.41
C ASP B 66 14.90 -28.19 12.91
N GLY B 67 13.58 -27.98 13.06
CA GLY B 67 12.95 -26.80 13.68
C GLY B 67 12.71 -25.65 12.70
N HIS B 68 12.78 -25.91 11.40
CA HIS B 68 12.48 -24.92 10.34
C HIS B 68 11.15 -25.28 9.69
N PRO B 69 10.10 -24.42 9.69
CA PRO B 69 8.81 -24.83 9.14
C PRO B 69 8.88 -25.06 7.63
N THR B 70 9.72 -24.29 6.93
CA THR B 70 9.76 -24.28 5.45
C THR B 70 11.22 -24.34 4.99
N ALA B 71 11.38 -24.54 3.69
CA ALA B 71 12.71 -24.53 3.04
C ALA B 71 13.31 -23.14 3.28
N GLY B 72 14.62 -23.04 3.10
CA GLY B 72 15.36 -21.77 3.23
C GLY B 72 14.76 -20.69 2.37
N TRP B 73 14.85 -19.46 2.86
CA TRP B 73 14.24 -18.32 2.14
C TRP B 73 14.96 -18.01 0.83
N TRP B 74 16.22 -18.45 0.64
CA TRP B 74 17.03 -18.34 -0.60
C TRP B 74 17.49 -19.76 -0.95
N ASP B 75 16.61 -20.74 -0.77
CA ASP B 75 16.98 -22.17 -0.99
C ASP B 75 17.69 -22.33 -2.34
N GLY B 76 18.88 -22.96 -2.28
CA GLY B 76 19.71 -23.21 -3.46
C GLY B 76 20.84 -22.25 -3.61
N VAL B 77 20.84 -21.14 -2.87
CA VAL B 77 21.84 -20.07 -3.15
C VAL B 77 23.24 -20.52 -2.75
N ALA B 78 23.34 -21.38 -1.74
CA ALA B 78 24.64 -21.82 -1.17
C ALA B 78 24.76 -23.32 -1.32
N GLY B 79 25.91 -23.74 -1.83
CA GLY B 79 26.17 -25.18 -2.00
C GLY B 79 27.35 -25.32 -2.92
N PRO B 80 27.76 -26.56 -3.24
CA PRO B 80 28.87 -26.74 -4.17
C PRO B 80 28.60 -26.17 -5.56
N GLY B 81 29.45 -25.25 -5.99
CA GLY B 81 29.31 -24.67 -7.33
C GLY B 81 28.10 -23.73 -7.46
N ALA B 82 27.43 -23.41 -6.35
CA ALA B 82 26.19 -22.59 -6.36
C ALA B 82 26.63 -21.14 -6.35
N PRO B 83 25.69 -20.17 -6.47
CA PRO B 83 26.13 -18.78 -6.52
C PRO B 83 27.00 -18.35 -5.32
N ILE B 84 26.71 -18.85 -4.12
CA ILE B 84 27.66 -18.85 -2.99
C ILE B 84 28.28 -20.25 -2.94
N ASP B 85 29.47 -20.39 -3.52
CA ASP B 85 30.08 -21.72 -3.71
C ASP B 85 30.74 -22.13 -2.39
N THR B 86 30.09 -23.01 -1.66
CA THR B 86 30.59 -23.37 -0.30
C THR B 86 31.89 -24.21 -0.42
N ASP B 87 32.29 -24.64 -1.60
CA ASP B 87 33.68 -25.21 -1.71
C ASP B 87 34.73 -24.15 -1.40
N HIS B 88 34.42 -22.86 -1.53
CA HIS B 88 35.39 -21.75 -1.34
C HIS B 88 34.98 -20.82 -0.21
N TRP B 89 33.67 -20.55 -0.08
CA TRP B 89 33.12 -19.58 0.89
C TRP B 89 32.51 -20.23 2.11
N CYS B 90 32.57 -19.50 3.21
CA CYS B 90 31.82 -19.78 4.44
C CYS B 90 30.67 -18.78 4.50
N ALA B 91 29.49 -19.24 4.12
CA ALA B 91 28.26 -18.42 4.10
C ALA B 91 27.74 -18.42 5.55
N ILE B 92 27.65 -17.26 6.17
CA ILE B 92 27.12 -17.12 7.55
C ILE B 92 25.86 -16.23 7.50
N ALA B 93 24.80 -16.65 8.10
CA ALA B 93 23.58 -15.81 8.25
C ALA B 93 23.24 -15.72 9.74
N THR B 94 22.98 -14.52 10.22
CA THR B 94 22.39 -14.36 11.55
C THR B 94 20.87 -14.30 11.48
N ASN B 95 20.23 -14.53 12.61
CA ASN B 95 18.90 -13.93 12.86
C ASN B 95 19.17 -12.54 13.36
N VAL B 96 18.53 -11.54 12.74
CA VAL B 96 18.75 -10.12 13.06
C VAL B 96 18.41 -9.82 14.52
N LEU B 97 19.16 -8.89 15.08
CA LEU B 97 18.77 -8.25 16.36
C LEU B 97 17.32 -7.79 16.25
N GLY B 98 16.46 -8.12 17.23
CA GLY B 98 15.04 -7.78 17.20
C GLY B 98 14.21 -8.93 16.66
N GLY B 99 14.86 -9.97 16.14
CA GLY B 99 14.18 -11.11 15.53
C GLY B 99 13.50 -12.03 16.54
N CYS B 100 12.83 -13.02 16.00
CA CYS B 100 12.02 -13.98 16.79
C CYS B 100 12.41 -15.42 16.48
N ARG B 101 13.56 -15.65 15.87
CA ARG B 101 14.05 -17.00 15.47
C ARG B 101 15.42 -17.29 16.09
N GLY B 102 15.63 -16.90 17.36
CA GLY B 102 16.81 -17.30 18.14
C GLY B 102 17.58 -16.12 18.65
N SER B 103 17.53 -14.97 17.99
CA SER B 103 18.20 -13.77 18.50
C SER B 103 17.31 -13.02 19.51
N THR B 104 17.99 -12.16 20.28
CA THR B 104 17.37 -11.24 21.22
C THR B 104 16.36 -10.36 20.49
N GLY B 105 15.12 -10.38 20.97
CA GLY B 105 14.06 -9.50 20.46
C GLY B 105 12.97 -9.33 21.50
N PRO B 106 11.83 -8.70 21.14
CA PRO B 106 10.79 -8.32 22.11
C PRO B 106 10.25 -9.52 22.89
N GLY B 107 10.26 -10.71 22.27
CA GLY B 107 9.79 -11.95 22.92
C GLY B 107 10.80 -12.53 23.90
N SER B 108 12.05 -12.13 23.81
CA SER B 108 13.15 -12.65 24.68
C SER B 108 12.93 -12.13 26.11
N LEU B 109 13.55 -12.81 27.08
CA LEU B 109 13.40 -12.45 28.51
C LEU B 109 14.38 -11.33 28.82
N ALA B 110 13.87 -10.24 29.43
CA ALA B 110 14.68 -9.13 29.97
C ALA B 110 15.30 -9.57 31.30
N PRO B 111 16.28 -8.81 31.83
CA PRO B 111 16.92 -9.16 33.11
C PRO B 111 15.93 -9.42 34.26
N ASP B 112 14.76 -8.77 34.26
CA ASP B 112 13.71 -8.88 35.32
C ASP B 112 12.90 -10.16 35.15
N GLY B 113 13.22 -11.00 34.16
CA GLY B 113 12.64 -12.33 33.98
C GLY B 113 11.36 -12.32 33.16
N LYS B 114 10.87 -11.15 32.76
CA LYS B 114 9.65 -10.99 31.93
C LYS B 114 10.09 -10.65 30.51
N PRO B 115 9.31 -11.00 29.46
CA PRO B 115 9.65 -10.63 28.10
C PRO B 115 9.97 -9.14 28.01
N TRP B 116 10.92 -8.78 27.12
CA TRP B 116 11.22 -7.35 26.87
C TRP B 116 9.91 -6.61 26.58
N GLY B 117 9.17 -7.07 25.58
CA GLY B 117 7.89 -6.44 25.15
C GLY B 117 8.04 -4.94 24.95
N SER B 118 7.20 -4.15 25.61
CA SER B 118 7.20 -2.65 25.50
C SER B 118 8.56 -2.05 25.95
N ARG B 119 9.41 -2.78 26.67
CA ARG B 119 10.72 -2.30 27.19
C ARG B 119 11.82 -2.55 26.14
N PHE B 120 11.51 -3.28 25.09
CA PHE B 120 12.53 -3.54 24.04
C PHE B 120 12.92 -2.19 23.47
N PRO B 121 14.22 -1.92 23.33
CA PRO B 121 14.66 -0.62 22.83
C PRO B 121 14.30 -0.43 21.35
N GLN B 122 14.22 0.82 20.93
CA GLN B 122 14.13 1.15 19.49
C GLN B 122 15.51 0.86 18.92
N ILE B 123 15.56 0.04 17.90
CA ILE B 123 16.86 -0.30 17.27
C ILE B 123 16.86 0.23 15.85
N THR B 124 18.07 0.43 15.35
CA THR B 124 18.28 0.90 13.96
C THR B 124 18.93 -0.20 13.11
N ILE B 125 19.00 0.00 11.80
CA ILE B 125 19.82 -0.88 10.93
C ILE B 125 21.27 -0.88 11.44
N ARG B 126 21.76 0.25 11.94
CA ARG B 126 23.17 0.28 12.39
C ARG B 126 23.34 -0.59 13.64
N ASP B 127 22.32 -0.64 14.46
CA ASP B 127 22.33 -1.56 15.63
C ASP B 127 22.40 -3.01 15.15
N GLN B 128 21.68 -3.31 14.07
CA GLN B 128 21.66 -4.67 13.50
C GLN B 128 23.06 -5.05 13.03
N VAL B 129 23.73 -4.13 12.33
CA VAL B 129 25.12 -4.37 11.88
C VAL B 129 26.02 -4.57 13.10
N ALA B 130 25.86 -3.71 14.10
CA ALA B 130 26.75 -3.80 15.28
C ALA B 130 26.58 -5.16 15.95
N ALA B 131 25.36 -5.66 16.07
CA ALA B 131 25.13 -6.99 16.70
C ALA B 131 25.78 -8.07 15.86
N ASP B 132 25.64 -7.99 14.53
CA ASP B 132 26.20 -9.04 13.66
C ASP B 132 27.74 -8.98 13.73
N ARG B 133 28.34 -7.80 13.71
CA ARG B 133 29.80 -7.65 13.83
C ARG B 133 30.26 -8.29 15.15
N ALA B 134 29.51 -8.04 16.21
CA ALA B 134 29.85 -8.60 17.54
C ALA B 134 29.75 -10.12 17.53
N ALA B 135 28.73 -10.67 16.88
CA ALA B 135 28.57 -12.14 16.78
C ALA B 135 29.77 -12.70 16.01
N LEU B 136 30.14 -12.08 14.88
CA LEU B 136 31.34 -12.51 14.15
C LEU B 136 32.60 -12.41 15.03
N ALA B 137 32.76 -11.35 15.79
CA ALA B 137 33.98 -11.09 16.60
C ALA B 137 34.04 -12.21 17.65
N ALA B 138 32.90 -12.61 18.21
CA ALA B 138 32.86 -13.69 19.24
C ALA B 138 33.28 -15.01 18.58
N LEU B 139 32.99 -15.20 17.28
CA LEU B 139 33.39 -16.40 16.50
C LEU B 139 34.82 -16.26 15.94
N GLY B 140 35.56 -15.21 16.28
CA GLY B 140 36.96 -15.03 15.84
C GLY B 140 37.07 -14.44 14.45
N ILE B 141 36.02 -13.77 13.98
CA ILE B 141 35.93 -13.26 12.59
C ILE B 141 35.90 -11.74 12.65
N THR B 142 36.90 -11.09 12.07
CA THR B 142 37.04 -9.60 12.11
C THR B 142 36.92 -8.98 10.72
N GLU B 143 37.06 -9.77 9.66
CA GLU B 143 37.07 -9.29 8.23
C GLU B 143 35.99 -10.11 7.51
N VAL B 144 35.26 -9.52 6.56
CA VAL B 144 34.34 -10.34 5.73
C VAL B 144 34.70 -10.11 4.27
N ALA B 145 34.63 -11.20 3.53
CA ALA B 145 34.90 -11.11 2.07
C ALA B 145 33.75 -10.32 1.46
N ALA B 146 32.51 -10.68 1.78
CA ALA B 146 31.36 -10.01 1.13
C ALA B 146 30.16 -10.00 2.03
N VAL B 147 29.36 -8.93 1.94
CA VAL B 147 28.00 -8.84 2.50
C VAL B 147 27.03 -8.91 1.33
N VAL B 148 25.95 -9.65 1.51
CA VAL B 148 24.94 -9.81 0.42
C VAL B 148 23.55 -9.74 1.06
N GLY B 149 22.66 -8.94 0.49
CA GLY B 149 21.29 -8.91 1.02
C GLY B 149 20.35 -8.11 0.16
N GLY B 150 19.07 -8.49 0.21
CA GLY B 150 18.01 -7.70 -0.45
C GLY B 150 17.02 -7.13 0.53
N SER B 151 16.41 -5.99 0.21
CA SER B 151 15.33 -5.40 1.02
C SER B 151 15.92 -4.94 2.35
N MET B 152 15.38 -5.29 3.50
CA MET B 152 16.04 -4.96 4.79
C MET B 152 17.49 -5.51 4.79
N GLY B 153 17.72 -6.64 4.09
CA GLY B 153 19.05 -7.24 4.07
C GLY B 153 19.98 -6.40 3.24
N GLY B 154 19.43 -5.69 2.23
CA GLY B 154 20.20 -4.69 1.48
C GLY B 154 20.53 -3.44 2.29
N ALA B 155 19.60 -3.01 3.16
CA ALA B 155 19.87 -1.90 4.09
C ALA B 155 21.02 -2.31 5.01
N ARG B 156 20.95 -3.52 5.58
CA ARG B 156 22.02 -4.05 6.45
C ARG B 156 23.35 -4.12 5.69
N ALA B 157 23.32 -4.61 4.46
CA ALA B 157 24.55 -4.77 3.65
C ALA B 157 25.12 -3.38 3.38
N LEU B 158 24.27 -2.43 3.02
CA LEU B 158 24.75 -1.08 2.67
C LEU B 158 25.33 -0.38 3.91
N GLU B 159 24.72 -0.53 5.07
CA GLU B 159 25.28 0.10 6.29
C GLU B 159 26.61 -0.59 6.62
N TRP B 160 26.66 -1.91 6.46
CA TRP B 160 27.90 -2.62 6.75
C TRP B 160 29.04 -2.07 5.90
N LEU B 161 28.83 -1.93 4.59
CA LEU B 161 29.83 -1.41 3.62
C LEU B 161 30.26 0.00 4.01
N VAL B 162 29.32 0.85 4.37
CA VAL B 162 29.59 2.29 4.58
C VAL B 162 30.27 2.42 5.95
N THR B 163 29.85 1.63 6.91
CA THR B 163 30.34 1.78 8.29
C THR B 163 31.72 1.12 8.44
N HIS B 164 31.97 0.01 7.75
CA HIS B 164 33.17 -0.85 7.96
C HIS B 164 33.91 -1.16 6.64
N PRO B 165 34.19 -0.14 5.83
CA PRO B 165 34.75 -0.38 4.50
C PRO B 165 36.11 -1.09 4.51
N ASP B 166 36.87 -0.90 5.58
CA ASP B 166 38.21 -1.52 5.70
C ASP B 166 38.06 -3.00 6.03
N ASP B 167 36.86 -3.50 6.34
CA ASP B 167 36.64 -4.86 6.83
C ASP B 167 35.62 -5.60 5.97
N VAL B 168 35.42 -5.14 4.75
CA VAL B 168 34.57 -5.85 3.76
C VAL B 168 35.26 -5.72 2.41
N ARG B 169 35.34 -6.79 1.62
CA ARG B 169 35.97 -6.66 0.29
C ARG B 169 34.97 -6.22 -0.77
N ALA B 170 33.71 -6.68 -0.71
CA ALA B 170 32.70 -6.35 -1.75
C ALA B 170 31.32 -6.55 -1.19
N GLY B 171 30.32 -5.95 -1.83
CA GLY B 171 28.94 -6.14 -1.40
C GLY B 171 27.96 -6.26 -2.53
N LEU B 172 26.88 -6.94 -2.24
CA LEU B 172 25.68 -6.94 -3.11
C LEU B 172 24.58 -6.24 -2.34
N VAL B 173 24.13 -5.11 -2.88
CA VAL B 173 23.03 -4.31 -2.28
C VAL B 173 21.85 -4.42 -3.26
N LEU B 174 20.81 -5.10 -2.88
CA LEU B 174 19.70 -5.49 -3.79
C LEU B 174 18.38 -4.90 -3.25
N ALA B 175 17.67 -4.20 -4.11
CA ALA B 175 16.26 -3.84 -3.86
C ALA B 175 16.12 -3.09 -2.54
N VAL B 176 16.86 -1.99 -2.42
CA VAL B 176 16.77 -1.06 -1.28
C VAL B 176 17.21 0.31 -1.77
N GLY B 177 17.01 1.33 -0.94
CA GLY B 177 17.49 2.69 -1.19
C GLY B 177 18.54 3.11 -0.17
N ALA B 178 19.08 4.31 -0.33
CA ALA B 178 20.10 4.85 0.59
C ALA B 178 19.47 5.22 1.94
N ARG B 179 18.20 5.56 1.94
CA ARG B 179 17.45 5.92 3.15
C ARG B 179 16.01 5.48 2.94
N ALA B 180 15.29 5.30 3.99
CA ALA B 180 13.84 5.13 3.92
C ALA B 180 13.21 6.32 3.23
N THR B 181 12.25 6.03 2.37
CA THR B 181 11.45 7.07 1.67
C THR B 181 10.16 7.35 2.42
N ALA B 182 9.51 8.44 2.08
CA ALA B 182 8.24 8.81 2.70
C ALA B 182 7.24 7.68 2.49
N ASP B 183 7.14 7.12 1.29
CA ASP B 183 6.18 6.01 1.08
C ASP B 183 6.51 4.81 1.98
N GLN B 184 7.76 4.42 2.07
CA GLN B 184 8.15 3.25 2.89
C GLN B 184 7.80 3.55 4.35
N ILE B 185 8.14 4.74 4.85
CA ILE B 185 7.76 5.08 6.24
C ILE B 185 6.26 5.13 6.39
N GLY B 186 5.57 5.63 5.39
CA GLY B 186 4.10 5.67 5.47
C GLY B 186 3.54 4.29 5.65
N THR B 187 3.96 3.34 4.81
CA THR B 187 3.35 1.99 4.88
C THR B 187 3.85 1.25 6.11
N GLN B 188 5.12 1.40 6.46
CA GLN B 188 5.72 0.71 7.63
C GLN B 188 5.03 1.23 8.89
N SER B 189 4.87 2.53 9.05
CA SER B 189 4.29 3.12 10.29
C SER B 189 2.81 2.76 10.36
N THR B 190 2.13 2.62 9.23
CA THR B 190 0.70 2.28 9.22
C THR B 190 0.55 0.79 9.50
N GLN B 191 1.46 -0.05 9.00
CA GLN B 191 1.46 -1.50 9.36
C GLN B 191 1.61 -1.63 10.87
N VAL B 192 2.57 -0.92 11.43
CA VAL B 192 2.79 -0.92 12.89
C VAL B 192 1.49 -0.47 13.55
N ALA B 193 0.83 0.57 13.04
CA ALA B 193 -0.39 1.08 13.67
C ALA B 193 -1.47 -0.01 13.65
N ALA B 194 -1.55 -0.82 12.61
CA ALA B 194 -2.57 -1.89 12.50
C ALA B 194 -2.33 -2.94 13.59
N ILE B 195 -1.08 -3.24 13.88
CA ILE B 195 -0.71 -4.18 14.98
C ILE B 195 -1.06 -3.55 16.33
N LYS B 196 -0.70 -2.30 16.56
CA LYS B 196 -0.91 -1.63 17.89
C LYS B 196 -2.40 -1.37 18.09
N ALA B 197 -3.21 -1.30 17.04
CA ALA B 197 -4.69 -1.11 17.16
C ALA B 197 -5.37 -2.38 17.70
N ASP B 198 -4.73 -3.53 17.52
CA ASP B 198 -5.31 -4.85 17.88
C ASP B 198 -5.40 -4.91 19.39
N PRO B 199 -6.58 -5.15 20.00
CA PRO B 199 -6.65 -5.07 21.45
C PRO B 199 -5.71 -6.07 22.13
N ASP B 200 -5.30 -7.14 21.46
CA ASP B 200 -4.41 -8.15 22.09
C ASP B 200 -2.94 -7.67 22.10
N TRP B 201 -2.64 -6.49 21.55
CA TRP B 201 -1.26 -5.90 21.60
C TRP B 201 -0.86 -5.69 23.06
N GLN B 202 -1.81 -5.27 23.90
CA GLN B 202 -1.55 -5.12 25.37
C GLN B 202 -0.30 -4.26 25.55
N GLY B 203 -0.21 -3.14 24.81
CA GLY B 203 0.88 -2.18 24.90
C GLY B 203 2.23 -2.74 24.45
N GLY B 204 2.28 -3.95 23.85
CA GLY B 204 3.50 -4.66 23.46
C GLY B 204 3.88 -5.74 24.43
N ASP B 205 3.15 -5.86 25.56
CA ASP B 205 3.48 -6.84 26.62
C ASP B 205 2.47 -7.97 26.59
N TYR B 206 2.20 -8.52 25.42
CA TYR B 206 1.27 -9.67 25.21
C TYR B 206 2.00 -11.01 25.34
N HIS B 207 3.32 -11.01 25.26
CA HIS B 207 4.14 -12.24 25.26
C HIS B 207 3.89 -12.96 26.58
N GLY B 208 3.47 -14.22 26.46
CA GLY B 208 3.21 -15.09 27.61
C GLY B 208 1.87 -14.83 28.26
N THR B 209 0.96 -14.05 27.65
CA THR B 209 -0.42 -13.82 28.16
C THR B 209 -1.41 -14.83 27.58
N GLY B 210 -1.03 -15.60 26.55
CA GLY B 210 -1.94 -16.47 25.78
C GLY B 210 -2.81 -15.70 24.79
N ARG B 211 -2.62 -14.39 24.67
CA ARG B 211 -3.31 -13.56 23.64
C ARG B 211 -2.19 -12.87 22.83
N ALA B 212 -2.38 -12.68 21.52
CA ALA B 212 -1.36 -12.02 20.67
C ALA B 212 -2.07 -11.27 19.56
N PRO B 213 -1.52 -10.12 19.11
CA PRO B 213 -2.16 -9.31 18.07
C PRO B 213 -1.89 -9.86 16.66
N THR B 214 -2.13 -11.15 16.46
CA THR B 214 -1.99 -11.83 15.14
C THR B 214 -2.93 -11.17 14.13
N GLU B 215 -4.15 -10.83 14.51
CA GLU B 215 -5.16 -10.24 13.58
C GLU B 215 -4.60 -8.93 13.01
N GLY B 216 -4.03 -8.10 13.86
CA GLY B 216 -3.49 -6.83 13.36
C GLY B 216 -2.27 -7.09 12.50
N MET B 217 -1.45 -8.05 12.84
CA MET B 217 -0.26 -8.34 12.01
C MET B 217 -0.70 -8.94 10.67
N GLU B 218 -1.78 -9.72 10.64
CA GLU B 218 -2.27 -10.24 9.35
C GLU B 218 -2.65 -9.04 8.46
N ILE B 219 -3.36 -8.07 9.02
CA ILE B 219 -3.79 -6.87 8.23
C ILE B 219 -2.49 -6.23 7.70
N ALA B 220 -1.52 -5.98 8.57
CA ALA B 220 -0.21 -5.36 8.19
C ALA B 220 0.40 -6.15 7.03
N ARG B 221 0.49 -7.45 7.17
CA ARG B 221 1.13 -8.34 6.19
C ARG B 221 0.39 -8.30 4.85
N ARG B 222 -0.93 -8.21 4.86
CA ARG B 222 -1.71 -8.15 3.58
C ARG B 222 -1.32 -6.84 2.85
N PHE B 223 -1.24 -5.73 3.56
CA PHE B 223 -0.84 -4.46 2.91
C PHE B 223 0.61 -4.59 2.43
N ALA B 224 1.50 -5.09 3.27
CA ALA B 224 2.91 -5.25 2.88
C ALA B 224 2.99 -6.09 1.62
N HIS B 225 2.27 -7.22 1.59
CA HIS B 225 2.35 -8.14 0.45
C HIS B 225 1.99 -7.40 -0.83
N LEU B 226 0.98 -6.51 -0.83
CA LEU B 226 0.66 -5.73 -2.06
C LEU B 226 1.87 -4.87 -2.44
N THR B 227 2.55 -4.25 -1.46
CA THR B 227 3.73 -3.42 -1.77
C THR B 227 4.83 -4.27 -2.41
N TYR B 228 4.83 -5.57 -2.18
CA TYR B 228 5.88 -6.49 -2.64
C TYR B 228 5.60 -7.01 -4.03
N ARG B 229 4.38 -6.76 -4.54
N ARG B 229 4.39 -6.84 -4.55
CA ARG B 229 3.95 -7.35 -5.83
CA ARG B 229 4.12 -7.50 -5.85
C ARG B 229 4.21 -6.41 -7.01
C ARG B 229 4.15 -6.47 -6.99
N GLY B 230 4.22 -7.00 -8.20
CA GLY B 230 4.10 -6.21 -9.44
C GLY B 230 2.64 -5.98 -9.78
N GLU B 231 2.23 -4.76 -9.97
CA GLU B 231 0.80 -4.45 -10.20
C GLU B 231 0.29 -5.26 -11.40
N GLU B 232 0.97 -5.22 -12.52
CA GLU B 232 0.46 -5.87 -13.75
C GLU B 232 0.44 -7.37 -13.49
N GLU B 233 1.50 -7.92 -12.90
CA GLU B 233 1.53 -9.38 -12.67
C GLU B 233 0.36 -9.78 -11.76
N LEU B 234 0.02 -8.98 -10.76
CA LEU B 234 -1.09 -9.34 -9.83
C LEU B 234 -2.40 -9.37 -10.62
N ASP B 235 -2.62 -8.40 -11.49
CA ASP B 235 -3.86 -8.34 -12.30
C ASP B 235 -3.86 -9.50 -13.33
N ASP B 236 -2.73 -9.84 -13.95
CA ASP B 236 -2.72 -10.95 -14.92
C ASP B 236 -3.03 -12.24 -14.19
N ARG B 237 -2.59 -12.36 -12.95
CA ARG B 237 -2.72 -13.61 -12.16
C ARG B 237 -4.14 -13.79 -11.65
N PHE B 238 -4.74 -12.76 -11.08
CA PHE B 238 -6.02 -12.90 -10.34
C PHE B 238 -7.15 -12.11 -10.99
N ALA B 239 -6.82 -11.03 -11.68
CA ALA B 239 -7.79 -10.03 -12.16
C ALA B 239 -8.83 -9.80 -11.04
N ASN B 240 -10.12 -9.76 -11.42
CA ASN B 240 -11.25 -9.59 -10.48
C ASN B 240 -11.98 -10.93 -10.38
N THR B 241 -11.26 -12.00 -10.66
CA THR B 241 -11.86 -13.34 -10.60
C THR B 241 -12.27 -13.66 -9.18
N PRO B 242 -13.41 -14.35 -9.02
CA PRO B 242 -13.83 -14.80 -7.70
C PRO B 242 -12.94 -15.93 -7.20
N GLN B 243 -12.94 -16.14 -5.88
CA GLN B 243 -12.26 -17.32 -5.30
C GLN B 243 -13.17 -18.53 -5.54
N ASP B 244 -12.65 -19.56 -6.19
CA ASP B 244 -13.35 -20.86 -6.39
C ASP B 244 -14.79 -20.58 -6.83
N ASP B 245 -15.80 -21.08 -6.10
CA ASP B 245 -17.23 -20.92 -6.45
C ASP B 245 -17.89 -19.83 -5.62
N GLU B 246 -17.10 -19.01 -4.90
CA GLU B 246 -17.71 -17.94 -4.08
C GLU B 246 -18.28 -16.88 -5.00
N ASP B 247 -19.27 -16.14 -4.51
CA ASP B 247 -19.95 -15.10 -5.29
C ASP B 247 -19.73 -13.75 -4.63
N PRO B 248 -18.74 -12.95 -5.10
CA PRO B 248 -18.52 -11.65 -4.49
C PRO B 248 -19.73 -10.71 -4.50
N LEU B 249 -20.69 -10.84 -5.41
CA LEU B 249 -21.88 -9.94 -5.49
C LEU B 249 -22.83 -10.15 -4.29
N THR B 250 -22.66 -11.26 -3.58
CA THR B 250 -23.46 -11.56 -2.35
C THR B 250 -22.50 -11.84 -1.20
N GLY B 251 -21.34 -11.21 -1.18
CA GLY B 251 -20.45 -11.19 0.00
C GLY B 251 -19.34 -12.23 -0.04
N GLY B 252 -19.18 -12.96 -1.14
CA GLY B 252 -18.07 -13.92 -1.28
C GLY B 252 -16.74 -13.19 -1.49
N ARG B 253 -15.65 -13.94 -1.55
CA ARG B 253 -14.27 -13.38 -1.72
C ARG B 253 -13.83 -13.40 -3.18
N TYR B 254 -13.00 -12.43 -3.55
CA TYR B 254 -12.22 -12.46 -4.80
C TYR B 254 -10.99 -13.34 -4.59
N ALA B 255 -10.44 -13.85 -5.68
CA ALA B 255 -9.22 -14.67 -5.67
C ALA B 255 -8.08 -13.88 -5.01
N VAL B 256 -7.86 -12.63 -5.37
CA VAL B 256 -6.67 -11.91 -4.80
C VAL B 256 -6.88 -11.69 -3.29
N GLN B 257 -8.13 -11.51 -2.89
CA GLN B 257 -8.50 -11.33 -1.47
C GLN B 257 -8.16 -12.61 -0.70
N SER B 258 -8.61 -13.76 -1.22
CA SER B 258 -8.35 -15.07 -0.60
C SER B 258 -6.84 -15.27 -0.48
N TYR B 259 -6.12 -14.89 -1.50
CA TYR B 259 -4.66 -15.08 -1.55
C TYR B 259 -4.02 -14.23 -0.44
N LEU B 260 -4.46 -12.97 -0.34
CA LEU B 260 -3.92 -12.09 0.72
C LEU B 260 -4.27 -12.66 2.09
N GLU B 261 -5.49 -13.14 2.30
CA GLU B 261 -5.88 -13.74 3.60
C GLU B 261 -4.93 -14.87 3.94
N TYR B 262 -4.65 -15.72 2.96
CA TYR B 262 -3.75 -16.88 3.14
C TYR B 262 -2.35 -16.39 3.51
N GLN B 263 -1.83 -15.40 2.80
CA GLN B 263 -0.46 -14.89 3.09
C GLN B 263 -0.44 -14.38 4.54
N GLY B 264 -1.45 -13.64 4.99
CA GLY B 264 -1.42 -13.12 6.37
C GLY B 264 -1.39 -14.26 7.36
N GLY B 265 -2.27 -15.24 7.18
CA GLY B 265 -2.32 -16.41 8.10
C GLY B 265 -0.99 -17.15 8.16
N LYS B 266 -0.33 -17.37 7.02
CA LYS B 266 0.97 -18.06 6.98
C LYS B 266 1.96 -17.28 7.84
N LEU B 267 1.97 -15.95 7.76
CA LEU B 267 2.94 -15.22 8.63
C LEU B 267 2.59 -15.38 10.12
N ALA B 268 1.30 -15.35 10.46
CA ALA B 268 0.81 -15.45 11.85
C ALA B 268 1.22 -16.81 12.44
N ARG B 269 1.45 -17.83 11.62
CA ARG B 269 1.85 -19.16 12.14
C ARG B 269 3.36 -19.22 12.40
N ARG B 270 4.16 -18.26 11.97
CA ARG B 270 5.63 -18.38 12.13
C ARG B 270 6.31 -17.13 12.68
N PHE B 271 5.64 -16.01 12.86
CA PHE B 271 6.33 -14.73 13.09
C PHE B 271 5.67 -13.92 14.18
N ASP B 272 6.51 -13.29 15.01
CA ASP B 272 6.04 -12.51 16.20
C ASP B 272 5.62 -11.09 15.85
N PRO B 273 4.42 -10.62 16.22
CA PRO B 273 4.05 -9.24 15.99
C PRO B 273 4.99 -8.19 16.55
N GLY B 274 5.48 -8.35 17.79
CA GLY B 274 6.41 -7.39 18.39
C GLY B 274 7.67 -7.25 17.52
N THR B 275 8.18 -8.39 17.03
CA THR B 275 9.33 -8.38 16.11
C THR B 275 8.94 -7.60 14.83
N TYR B 276 7.74 -7.82 14.30
CA TYR B 276 7.28 -7.11 13.08
C TYR B 276 7.38 -5.61 13.34
N VAL B 277 6.91 -5.18 14.52
CA VAL B 277 6.93 -3.74 14.91
C VAL B 277 8.37 -3.25 14.97
N VAL B 278 9.22 -3.94 15.72
CA VAL B 278 10.62 -3.48 15.96
C VAL B 278 11.36 -3.41 14.64
N LEU B 279 11.19 -4.41 13.79
CA LEU B 279 11.99 -4.45 12.52
C LEU B 279 11.38 -3.45 11.53
N SER B 280 10.06 -3.19 11.57
CA SER B 280 9.46 -2.17 10.66
C SER B 280 9.97 -0.80 11.09
N ASP B 281 10.05 -0.54 12.38
CA ASP B 281 10.59 0.76 12.82
C ASP B 281 12.08 0.87 12.47
N ALA B 282 12.83 -0.22 12.53
CA ALA B 282 14.24 -0.21 12.11
C ALA B 282 14.30 0.11 10.61
N LEU B 283 13.37 -0.40 9.79
CA LEU B 283 13.41 -0.05 8.35
C LEU B 283 13.12 1.44 8.20
N SER B 284 12.17 1.98 8.95
CA SER B 284 11.82 3.42 8.82
C SER B 284 13.04 4.31 9.15
N SER B 285 13.88 3.86 10.09
CA SER B 285 15.14 4.51 10.57
C SER B 285 16.26 4.46 9.54
N HIS B 286 16.12 3.69 8.46
CA HIS B 286 17.26 3.48 7.55
C HIS B 286 17.65 4.82 6.95
N ASP B 287 18.93 5.16 7.03
CA ASP B 287 19.45 6.40 6.47
C ASP B 287 20.97 6.36 6.52
N VAL B 288 21.60 6.01 5.42
CA VAL B 288 23.08 5.87 5.44
C VAL B 288 23.73 7.24 5.65
N GLY B 289 23.01 8.34 5.43
CA GLY B 289 23.59 9.68 5.54
C GLY B 289 23.57 10.23 6.96
N ARG B 290 22.79 9.66 7.88
CA ARG B 290 22.63 10.20 9.25
C ARG B 290 24.00 10.28 9.96
N GLY B 291 24.33 11.46 10.46
CA GLY B 291 25.65 11.65 11.11
C GLY B 291 26.84 11.59 10.20
N ARG B 292 26.62 11.64 8.89
CA ARG B 292 27.66 11.46 7.89
C ARG B 292 27.56 12.52 6.79
N GLY B 293 26.84 13.60 7.03
CA GLY B 293 26.69 14.69 6.07
C GLY B 293 25.75 14.36 4.94
N GLY B 294 24.85 13.41 5.16
CA GLY B 294 23.83 13.15 4.14
C GLY B 294 24.20 12.02 3.20
N VAL B 295 23.20 11.52 2.49
CA VAL B 295 23.34 10.30 1.66
C VAL B 295 24.39 10.50 0.59
N GLU B 296 24.45 11.65 -0.05
CA GLU B 296 25.41 11.77 -1.17
C GLU B 296 26.85 11.75 -0.64
N ALA B 297 27.14 12.48 0.43
CA ALA B 297 28.51 12.48 1.00
C ALA B 297 28.87 11.08 1.49
N ALA B 298 27.97 10.44 2.24
CA ALA B 298 28.21 9.10 2.83
C ALA B 298 28.54 8.09 1.72
N LEU B 299 27.77 8.10 0.63
CA LEU B 299 28.01 7.08 -0.40
C LEU B 299 29.24 7.45 -1.24
N ARG B 300 29.42 8.75 -1.57
CA ARG B 300 30.61 9.15 -2.38
C ARG B 300 31.91 8.77 -1.69
N SER B 301 31.99 8.83 -0.35
CA SER B 301 33.30 8.55 0.27
C SER B 301 33.43 7.08 0.65
N CYS B 302 32.46 6.22 0.28
CA CYS B 302 32.57 4.76 0.53
C CYS B 302 33.28 4.08 -0.63
N PRO B 303 34.51 3.50 -0.46
CA PRO B 303 35.28 2.98 -1.57
C PRO B 303 35.01 1.54 -1.99
N VAL B 304 34.10 0.87 -1.30
CA VAL B 304 33.96 -0.60 -1.42
C VAL B 304 33.36 -0.93 -2.77
N PRO B 305 33.95 -1.85 -3.53
CA PRO B 305 33.30 -2.38 -4.74
C PRO B 305 31.92 -2.98 -4.38
N VAL B 306 30.92 -2.57 -5.14
CA VAL B 306 29.51 -2.94 -4.81
C VAL B 306 28.77 -3.22 -6.12
N VAL B 307 28.07 -4.33 -6.12
CA VAL B 307 27.04 -4.65 -7.11
C VAL B 307 25.69 -4.17 -6.56
N VAL B 308 25.02 -3.27 -7.28
CA VAL B 308 23.70 -2.73 -6.91
C VAL B 308 22.68 -3.32 -7.86
N GLY B 309 21.68 -4.03 -7.33
CA GLY B 309 20.60 -4.63 -8.12
C GLY B 309 19.29 -3.94 -7.85
N GLY B 310 18.52 -3.66 -8.90
CA GLY B 310 17.17 -3.11 -8.71
C GLY B 310 16.20 -3.79 -9.63
N ILE B 311 14.98 -3.93 -9.18
CA ILE B 311 13.94 -4.75 -9.89
C ILE B 311 13.01 -3.78 -10.61
N THR B 312 12.82 -3.98 -11.92
CA THR B 312 12.05 -3.04 -12.74
C THR B 312 10.68 -2.73 -12.14
N SER B 313 9.92 -3.74 -11.72
CA SER B 313 8.51 -3.61 -11.27
C SER B 313 8.38 -3.38 -9.77
N ASP B 314 9.49 -3.10 -9.06
CA ASP B 314 9.43 -2.91 -7.59
C ASP B 314 8.59 -1.67 -7.29
N ARG B 315 7.56 -1.81 -6.48
CA ARG B 315 6.68 -0.71 -6.06
C ARG B 315 7.04 -0.21 -4.66
N LEU B 316 7.84 -0.94 -3.90
CA LEU B 316 8.20 -0.54 -2.51
C LEU B 316 9.54 0.17 -2.43
N TYR B 317 10.51 -0.37 -3.16
CA TYR B 317 11.84 0.23 -3.34
C TYR B 317 12.06 0.47 -4.82
N PRO B 318 11.38 1.48 -5.38
CA PRO B 318 11.38 1.68 -6.84
C PRO B 318 12.78 1.92 -7.36
N ILE B 319 12.94 1.58 -8.64
CA ILE B 319 14.29 1.45 -9.23
C ILE B 319 15.06 2.77 -9.21
N ARG B 320 14.37 3.91 -9.16
CA ARG B 320 15.10 5.20 -9.02
C ARG B 320 16.02 5.13 -7.79
N LEU B 321 15.64 4.38 -6.76
CA LEU B 321 16.50 4.36 -5.53
C LEU B 321 17.81 3.59 -5.81
N GLN B 322 17.76 2.54 -6.62
CA GLN B 322 18.97 1.78 -6.94
C GLN B 322 19.79 2.52 -7.99
N GLN B 323 19.14 3.25 -8.91
CA GLN B 323 19.90 4.12 -9.82
C GLN B 323 20.71 5.12 -8.97
N GLU B 324 20.10 5.67 -7.94
CA GLU B 324 20.78 6.64 -7.04
C GLU B 324 21.98 5.97 -6.35
N LEU B 325 21.80 4.78 -5.77
CA LEU B 325 22.94 4.07 -5.16
C LEU B 325 24.06 3.82 -6.17
N ALA B 326 23.70 3.42 -7.40
CA ALA B 326 24.70 3.02 -8.39
C ALA B 326 25.46 4.25 -8.86
N GLU B 327 24.86 5.42 -8.88
CA GLU B 327 25.53 6.66 -9.35
C GLU B 327 26.46 7.14 -8.25
N LEU B 328 26.06 7.02 -6.98
CA LEU B 328 26.79 7.70 -5.90
C LEU B 328 27.95 6.83 -5.39
N LEU B 329 27.79 5.52 -5.35
CA LEU B 329 28.86 4.64 -4.85
C LEU B 329 29.97 4.54 -5.89
N PRO B 330 31.18 5.01 -5.59
CA PRO B 330 32.24 5.05 -6.61
C PRO B 330 32.69 3.65 -7.02
N GLY B 331 32.46 2.67 -6.16
CA GLY B 331 32.83 1.26 -6.42
C GLY B 331 31.76 0.49 -7.16
N CYS B 332 30.66 1.14 -7.47
CA CYS B 332 29.60 0.51 -8.30
C CYS B 332 29.89 0.82 -9.76
N GLN B 333 29.97 -0.21 -10.59
CA GLN B 333 30.28 -0.06 -12.05
C GLN B 333 29.06 0.40 -12.84
N GLY B 334 27.88 0.35 -12.27
CA GLY B 334 26.61 0.65 -12.95
C GLY B 334 25.53 -0.20 -12.38
N LEU B 335 24.29 0.26 -12.47
CA LEU B 335 23.13 -0.49 -11.98
C LEU B 335 22.96 -1.81 -12.72
N ASP B 336 22.80 -2.88 -11.97
CA ASP B 336 22.39 -4.19 -12.50
C ASP B 336 20.88 -4.26 -12.36
N VAL B 337 20.18 -4.27 -13.49
CA VAL B 337 18.69 -4.38 -13.48
C VAL B 337 18.26 -5.83 -13.47
N VAL B 338 17.35 -6.16 -12.57
CA VAL B 338 16.62 -7.44 -12.52
C VAL B 338 15.31 -7.21 -13.24
N ASP B 339 15.21 -7.67 -14.49
CA ASP B 339 14.02 -7.46 -15.34
C ASP B 339 13.01 -8.51 -14.94
N SER B 340 12.07 -8.10 -14.09
CA SER B 340 11.13 -9.05 -13.50
C SER B 340 9.75 -8.42 -13.41
N ILE B 341 8.72 -9.23 -13.58
CA ILE B 341 7.33 -8.78 -13.38
C ILE B 341 6.91 -8.97 -11.91
N TYR B 342 7.74 -9.53 -11.03
CA TYR B 342 7.29 -9.99 -9.69
C TYR B 342 7.47 -8.91 -8.61
N GLY B 343 7.70 -7.65 -8.99
CA GLY B 343 7.83 -6.59 -7.99
C GLY B 343 8.98 -6.84 -7.02
N HIS B 344 8.89 -6.21 -5.86
CA HIS B 344 9.91 -6.32 -4.80
C HIS B 344 10.22 -7.78 -4.48
N ASP B 345 9.19 -8.62 -4.45
CA ASP B 345 9.36 -10.06 -4.19
C ASP B 345 10.29 -10.70 -5.23
N GLY B 346 10.60 -10.07 -6.35
CA GLY B 346 11.64 -10.57 -7.24
C GLY B 346 12.94 -10.90 -6.52
N PHE B 347 13.29 -10.21 -5.43
CA PHE B 347 14.58 -10.42 -4.72
C PHE B 347 14.57 -11.85 -4.18
N LEU B 348 13.39 -12.42 -3.91
CA LEU B 348 13.25 -13.82 -3.40
C LEU B 348 12.94 -14.79 -4.57
N VAL B 349 12.09 -14.38 -5.50
CA VAL B 349 11.54 -15.29 -6.58
C VAL B 349 12.52 -15.49 -7.73
N GLU B 350 13.27 -14.48 -8.13
CA GLU B 350 14.12 -14.55 -9.34
C GLU B 350 15.47 -15.18 -8.95
N THR B 351 15.44 -16.46 -8.60
CA THR B 351 16.63 -17.15 -8.04
C THR B 351 17.77 -17.12 -9.06
N GLU B 352 17.50 -17.32 -10.35
CA GLU B 352 18.57 -17.36 -11.38
C GLU B 352 19.17 -15.98 -11.55
N LEU B 353 18.33 -14.93 -11.70
CA LEU B 353 18.86 -13.58 -11.94
C LEU B 353 19.63 -13.12 -10.68
N VAL B 354 19.09 -13.34 -9.51
CA VAL B 354 19.73 -12.88 -8.23
C VAL B 354 21.01 -13.69 -8.03
N GLY B 355 20.92 -14.98 -8.33
CA GLY B 355 22.10 -15.86 -8.24
C GLY B 355 23.24 -15.32 -9.08
N LYS B 356 22.98 -14.79 -10.27
CA LYS B 356 24.04 -14.28 -11.18
C LYS B 356 24.69 -13.03 -10.54
N LEU B 357 23.90 -12.20 -9.85
CA LEU B 357 24.43 -10.99 -9.18
C LEU B 357 25.29 -11.40 -8.00
N ILE B 358 24.86 -12.41 -7.25
CA ILE B 358 25.66 -12.95 -6.13
C ILE B 358 26.98 -13.48 -6.67
N ARG B 359 26.93 -14.29 -7.71
CA ARG B 359 28.14 -14.96 -8.21
C ARG B 359 29.10 -13.88 -8.68
N ARG B 360 28.60 -12.82 -9.33
CA ARG B 360 29.48 -11.73 -9.81
C ARG B 360 30.11 -11.03 -8.60
N THR B 361 29.33 -10.76 -7.58
CA THR B 361 29.82 -10.13 -6.32
C THR B 361 30.97 -10.96 -5.76
N LEU B 362 30.79 -12.27 -5.70
CA LEU B 362 31.80 -13.15 -5.07
C LEU B 362 32.98 -13.38 -5.99
N GLU B 363 32.80 -13.39 -7.31
CA GLU B 363 34.00 -13.47 -8.18
C GLU B 363 34.85 -12.22 -7.89
N LEU B 364 34.23 -11.03 -7.82
CA LEU B 364 34.88 -9.75 -7.44
C LEU B 364 35.59 -9.95 -6.08
N ALA B 365 34.90 -10.44 -5.05
CA ALA B 365 35.46 -10.57 -3.68
C ALA B 365 36.69 -11.52 -3.68
N GLN B 366 36.63 -12.61 -4.44
CA GLN B 366 37.75 -13.60 -4.50
C GLN B 366 38.98 -12.90 -5.08
N ARG B 367 38.86 -12.18 -6.18
CA ARG B 367 39.99 -11.41 -6.80
C ARG B 367 40.54 -10.45 -5.73
N LEU B 368 39.69 -9.71 -5.05
CA LEU B 368 40.14 -8.73 -4.06
C LEU B 368 40.78 -9.43 -2.87
N GLU B 369 40.23 -10.53 -2.39
CA GLU B 369 40.81 -11.23 -1.23
C GLU B 369 42.21 -11.80 -1.55
N HIS B 370 42.44 -12.19 -2.78
CA HIS B 370 43.77 -12.71 -3.21
C HIS B 370 44.78 -11.57 -2.99
N HIS B 371 44.33 -10.32 -3.08
CA HIS B 371 45.21 -9.12 -2.96
C HIS B 371 45.02 -8.43 -1.61
N HIS B 372 44.39 -9.09 -0.65
CA HIS B 372 44.14 -8.50 0.70
C HIS B 372 44.88 -9.30 1.76
N HIS B 373 45.76 -8.65 2.51
CA HIS B 373 46.75 -9.32 3.37
C HIS B 373 46.50 -8.87 4.80
N HIS B 374 46.22 -9.83 5.69
CA HIS B 374 45.79 -9.55 7.08
C HIS B 374 46.34 -10.63 8.02
#